data_1ADQ
#
_entry.id   1ADQ
#
_cell.length_a   160.350
_cell.length_b   81.950
_cell.length_c   64.240
_cell.angle_alpha   90.00
_cell.angle_beta   98.27
_cell.angle_gamma   90.00
#
_symmetry.space_group_name_H-M   'C 1 2 1'
#
loop_
_entity.id
_entity.type
_entity.pdbx_description
1 polymer 'IGG4 REA FC'
2 polymer 'IGM-LAMBDA RF-AN FAB (LIGHT CHAIN)'
3 polymer 'IGM-LAMBDA RF-AN FAB (HEAVY CHAIN)'
#
loop_
_entity_poly.entity_id
_entity_poly.type
_entity_poly.pdbx_seq_one_letter_code
_entity_poly.pdbx_strand_id
1 'polypeptide(L)'
;PSVFLFPPKPKDTLMISRTPEVTCVVVDVSQEDPQVQFNWYVDGVQVHNAKTKPREQQFNSTYRVVSVLTVLHQNWLDGK
EYKCKVSNKGLPSSIEKTISKAKGQPREPQVYTLPPSQEEMTKNQVSLTCLVKGFYPSDIAVEWESNGQPENNYKTTPPV
LDSDGSFFLYSRLTVDKSRWQEGNVFSCSVMHEALHNHYTQKSLSL
;
A
2 'polypeptide(L)'
;YVLTQPPSVSVAPGQTARITCGGNNIGSKSVHWYQQKPGQAPVLVVYDDSDRPPGIPERFSGSNSGNTATLTISRVEAGD
EADYYCQVWDSSSDHAVFGGGTKLTVLGQPKAAPSVTLFPPSSEELQANKATLVCLISDFYPGAVTVAWKADGSPVKAGV
ETTTPSKQSNNKYAASSYLSLTPEQWKSHKSYSCQVTHEGSTVEKTVAPTECS
;
L
3 'polypeptide(L)'
;EVQLVESGGGLVQPGRSLRLSCVTSGFTFDDYAMHWVRQSPGKGLEWVSGISWNTGTIIYADSVKGRFIISRDNAKNSLY
LQMNSLRVEDTALYYCAKTRSYVVAAEYYFHYWGQGILVTVSSGSASAPTLFPLVSCENSNPSSTVAVGCLAQDFLPDSI
TFSWKYKNNSDISSTRGFPSVLRGGKYAATSQVLLPSKDVMQGTNEHVVCKVQHPNGNKEKDVPL
;
H
#
# COMPACT_ATOMS: atom_id res chain seq x y z
N PRO A 1 14.32 53.22 19.98
CA PRO A 1 13.87 52.01 19.27
C PRO A 1 14.93 50.92 19.31
N SER A 2 14.56 49.76 19.83
CA SER A 2 15.46 48.62 19.91
C SER A 2 14.92 47.64 18.88
N VAL A 3 15.81 46.90 18.23
CA VAL A 3 15.37 46.00 17.17
C VAL A 3 15.65 44.56 17.61
N PHE A 4 14.72 43.66 17.28
CA PHE A 4 14.88 42.26 17.64
C PHE A 4 14.59 41.36 16.45
N LEU A 5 15.62 40.68 15.96
CA LEU A 5 15.47 39.78 14.83
C LEU A 5 15.25 38.38 15.41
N PHE A 6 14.25 37.67 14.90
CA PHE A 6 13.94 36.34 15.39
C PHE A 6 13.97 35.30 14.26
N PRO A 7 14.42 34.08 14.57
CA PRO A 7 14.53 32.96 13.63
C PRO A 7 13.17 32.29 13.35
N PRO A 8 13.14 31.34 12.41
CA PRO A 8 11.92 30.62 12.07
C PRO A 8 11.70 29.44 13.01
N LYS A 9 10.47 28.92 13.04
CA LYS A 9 10.16 27.79 13.89
C LYS A 9 10.92 26.56 13.40
N PRO A 10 11.50 25.78 14.32
CA PRO A 10 12.25 24.57 13.97
C PRO A 10 11.47 23.65 13.05
N LYS A 11 10.16 23.51 13.28
CA LYS A 11 9.35 22.67 12.42
C LYS A 11 9.32 23.27 11.01
N ASP A 12 9.05 24.57 10.96
CA ASP A 12 8.95 25.32 9.72
C ASP A 12 10.14 25.22 8.77
N THR A 13 11.32 24.92 9.30
CA THR A 13 12.49 24.79 8.44
C THR A 13 12.69 23.35 7.99
N LEU A 14 12.27 22.42 8.85
CA LEU A 14 12.42 20.99 8.59
C LEU A 14 11.44 20.36 7.62
N MET A 15 10.20 20.85 7.59
CA MET A 15 9.23 20.30 6.65
C MET A 15 8.93 21.22 5.47
N ILE A 16 9.23 20.73 4.27
CA ILE A 16 9.06 21.45 3.01
C ILE A 16 7.67 22.09 2.82
N SER A 17 6.67 21.52 3.49
CA SER A 17 5.30 22.02 3.39
C SER A 17 5.03 23.33 4.11
N ARG A 18 5.85 23.67 5.09
CA ARG A 18 5.68 24.90 5.86
C ARG A 18 6.52 26.03 5.27
N THR A 19 6.22 27.26 5.66
CA THR A 19 6.96 28.42 5.17
C THR A 19 7.74 29.08 6.30
N PRO A 20 9.05 28.82 6.39
CA PRO A 20 9.88 29.39 7.44
C PRO A 20 10.08 30.90 7.26
N GLU A 21 9.86 31.67 8.33
CA GLU A 21 10.00 33.11 8.25
C GLU A 21 11.04 33.66 9.21
N VAL A 22 11.55 34.84 8.88
CA VAL A 22 12.51 35.56 9.72
C VAL A 22 11.76 36.82 10.12
N THR A 23 11.74 37.10 11.42
CA THR A 23 10.99 38.26 11.91
C THR A 23 11.84 39.40 12.46
N CYS A 24 11.57 40.61 11.97
CA CYS A 24 12.27 41.81 12.41
C CYS A 24 11.22 42.66 13.11
N VAL A 25 11.32 42.77 14.43
CA VAL A 25 10.37 43.55 15.21
C VAL A 25 11.07 44.67 15.97
N VAL A 26 10.31 45.69 16.37
CA VAL A 26 10.87 46.84 17.07
C VAL A 26 10.00 47.29 18.24
N VAL A 27 10.63 47.84 19.27
CA VAL A 27 9.95 48.33 20.45
C VAL A 27 10.48 49.73 20.80
N ASP A 28 9.62 50.55 21.41
CA ASP A 28 9.98 51.91 21.81
C ASP A 28 10.29 52.86 20.65
N VAL A 29 9.25 53.32 19.97
CA VAL A 29 9.39 54.23 18.83
C VAL A 29 9.54 55.67 19.32
N SER A 30 10.38 56.44 18.64
CA SER A 30 10.60 57.84 18.99
C SER A 30 9.45 58.73 18.53
N GLN A 31 9.12 59.73 19.36
CA GLN A 31 8.04 60.66 19.06
C GLN A 31 8.42 61.66 17.97
N GLU A 32 7.91 61.43 16.76
CA GLU A 32 8.17 62.29 15.62
C GLU A 32 7.36 61.73 14.44
N ASP A 33 8.02 61.46 13.32
CA ASP A 33 7.32 60.92 12.15
C ASP A 33 7.77 59.47 11.91
N PRO A 34 6.81 58.58 11.58
CA PRO A 34 7.10 57.17 11.34
C PRO A 34 7.83 56.83 10.02
N GLN A 35 8.75 57.69 9.58
CA GLN A 35 9.50 57.39 8.36
C GLN A 35 10.48 56.27 8.67
N VAL A 36 10.18 55.08 8.19
CA VAL A 36 11.02 53.90 8.41
C VAL A 36 11.58 53.39 7.09
N GLN A 37 12.68 52.64 7.14
CA GLN A 37 13.32 52.09 5.95
C GLN A 37 13.81 50.68 6.28
N PHE A 38 13.78 49.80 5.29
CA PHE A 38 14.23 48.41 5.47
C PHE A 38 15.09 47.93 4.31
N ASN A 39 16.24 47.36 4.65
CA ASN A 39 17.17 46.84 3.64
C ASN A 39 17.62 45.45 4.04
N TRP A 40 16.86 44.45 3.60
CA TRP A 40 17.14 43.06 3.89
C TRP A 40 18.29 42.52 3.03
N TYR A 41 19.47 42.45 3.63
CA TYR A 41 20.65 41.94 2.93
C TYR A 41 20.74 40.44 3.21
N VAL A 42 20.40 39.64 2.21
CA VAL A 42 20.44 38.19 2.37
C VAL A 42 21.75 37.62 1.87
N ASP A 43 22.80 37.81 2.66
CA ASP A 43 24.15 37.32 2.37
C ASP A 43 24.52 37.34 0.88
N GLY A 44 24.32 38.47 0.24
CA GLY A 44 24.63 38.60 -1.17
C GLY A 44 23.41 39.14 -1.90
N VAL A 45 22.39 38.30 -2.04
CA VAL A 45 21.16 38.71 -2.71
C VAL A 45 20.43 39.68 -1.80
N GLN A 46 19.54 40.49 -2.37
CA GLN A 46 18.80 41.46 -1.58
C GLN A 46 17.36 41.58 -2.07
N VAL A 47 16.42 41.54 -1.13
CA VAL A 47 15.01 41.67 -1.44
C VAL A 47 14.56 43.10 -1.17
N HIS A 48 15.24 43.76 -0.23
CA HIS A 48 14.95 45.14 0.15
C HIS A 48 13.56 45.35 0.76
N ASN A 49 12.53 45.21 -0.05
CA ASN A 49 11.15 45.40 0.39
C ASN A 49 10.56 44.22 1.17
N ALA A 50 10.64 43.03 0.59
CA ALA A 50 10.10 41.82 1.22
C ALA A 50 8.59 42.04 1.45
N LYS A 51 8.12 41.78 2.66
CA LYS A 51 6.70 41.96 2.96
C LYS A 51 6.55 42.73 4.28
N THR A 52 7.17 43.89 4.36
CA THR A 52 7.10 44.71 5.56
C THR A 52 5.73 45.38 5.66
N LYS A 53 4.76 44.63 6.18
CA LYS A 53 3.40 45.14 6.35
C LYS A 53 3.01 44.94 7.81
N PRO A 54 3.20 45.99 8.64
CA PRO A 54 2.87 45.94 10.06
C PRO A 54 1.39 45.81 10.37
N ARG A 55 0.90 44.58 10.42
CA ARG A 55 -0.51 44.33 10.73
C ARG A 55 -0.71 44.71 12.20
N GLU A 56 -0.98 45.99 12.42
CA GLU A 56 -1.17 46.51 13.77
C GLU A 56 -2.24 45.83 14.61
N GLN A 57 -1.82 44.80 15.32
CA GLN A 57 -2.74 44.07 16.21
C GLN A 57 -2.86 44.92 17.47
N GLN A 58 -3.62 45.99 17.35
CA GLN A 58 -3.81 46.94 18.45
C GLN A 58 -4.66 46.47 19.61
N PHE A 59 -4.03 46.35 20.77
CA PHE A 59 -4.70 45.97 22.00
C PHE A 59 -4.30 47.02 23.01
N ASN A 60 -5.27 47.81 23.44
CA ASN A 60 -5.05 48.88 24.40
C ASN A 60 -4.25 50.01 23.73
N SER A 61 -2.93 50.00 23.91
CA SER A 61 -2.07 51.02 23.32
C SER A 61 -0.88 50.40 22.58
N THR A 62 -0.70 49.09 22.74
CA THR A 62 0.40 48.40 22.09
C THR A 62 0.15 48.12 20.61
N TYR A 63 1.25 48.11 19.86
CA TYR A 63 1.25 47.85 18.41
C TYR A 63 2.71 48.06 18.00
N ARG A 64 3.39 47.03 17.53
CA ARG A 64 4.79 47.27 17.15
C ARG A 64 4.89 47.16 15.63
N VAL A 65 6.08 47.37 15.10
CA VAL A 65 6.29 47.26 13.66
C VAL A 65 7.06 45.97 13.41
N VAL A 66 6.35 44.97 12.90
CA VAL A 66 6.92 43.67 12.59
C VAL A 66 7.25 43.60 11.10
N SER A 67 8.24 42.80 10.75
CA SER A 67 8.64 42.64 9.36
C SER A 67 9.13 41.21 9.17
N VAL A 68 8.25 40.37 8.65
CA VAL A 68 8.59 38.97 8.42
C VAL A 68 9.31 38.83 7.08
N LEU A 69 10.03 37.72 6.91
CA LEU A 69 10.76 37.47 5.67
C LEU A 69 10.62 36.01 5.31
N THR A 70 10.00 35.74 4.16
CA THR A 70 9.82 34.38 3.69
C THR A 70 11.22 33.85 3.40
N VAL A 71 11.57 32.72 4.01
CA VAL A 71 12.88 32.13 3.83
C VAL A 71 12.85 30.78 3.12
N LEU A 72 13.83 30.59 2.22
CA LEU A 72 13.95 29.34 1.49
C LEU A 72 14.63 28.34 2.41
N HIS A 73 13.90 27.30 2.77
CA HIS A 73 14.37 26.24 3.66
C HIS A 73 15.88 26.01 3.66
N GLN A 74 16.42 25.60 2.52
CA GLN A 74 17.85 25.32 2.39
C GLN A 74 18.76 26.52 2.67
N ASN A 75 18.35 27.70 2.23
CA ASN A 75 19.15 28.89 2.46
C ASN A 75 19.38 29.12 3.95
N TRP A 76 18.36 28.83 4.76
CA TRP A 76 18.50 28.98 6.21
C TRP A 76 19.38 27.83 6.72
N LEU A 77 19.09 26.62 6.25
CA LEU A 77 19.82 25.44 6.64
C LEU A 77 21.27 25.36 6.11
N ASP A 78 21.69 26.36 5.34
CA ASP A 78 23.05 26.36 4.82
C ASP A 78 23.91 27.47 5.42
N GLY A 79 23.33 28.22 6.34
CA GLY A 79 24.06 29.28 7.01
C GLY A 79 24.09 30.64 6.37
N LYS A 80 23.01 31.04 5.71
CA LYS A 80 22.98 32.36 5.09
C LYS A 80 22.67 33.39 6.19
N GLU A 81 23.25 34.58 6.07
CA GLU A 81 23.02 35.64 7.05
C GLU A 81 21.86 36.54 6.67
N TYR A 82 20.82 36.54 7.47
CA TYR A 82 19.66 37.39 7.20
C TYR A 82 19.77 38.63 8.07
N LYS A 83 20.04 39.77 7.44
CA LYS A 83 20.19 41.03 8.16
C LYS A 83 18.99 41.93 8.00
N CYS A 84 18.64 42.65 9.05
CA CYS A 84 17.53 43.60 9.01
C CYS A 84 18.11 44.96 9.34
N LYS A 85 17.92 45.91 8.44
CA LYS A 85 18.42 47.27 8.61
C LYS A 85 17.24 48.18 8.93
N VAL A 86 16.94 48.35 10.21
CA VAL A 86 15.84 49.19 10.64
C VAL A 86 16.28 50.62 10.86
N SER A 87 15.41 51.56 10.51
CA SER A 87 15.70 52.98 10.67
C SER A 87 14.40 53.70 11.02
N ASN A 88 14.51 54.96 11.40
CA ASN A 88 13.34 55.75 11.76
C ASN A 88 13.69 57.20 12.00
N LYS A 89 12.75 58.09 11.69
CA LYS A 89 12.93 59.53 11.88
C LYS A 89 12.98 59.83 13.37
N GLY A 90 14.16 59.62 13.96
CA GLY A 90 14.35 59.85 15.37
C GLY A 90 15.66 59.22 15.79
N LEU A 91 15.91 58.01 15.30
CA LEU A 91 17.13 57.28 15.59
C LEU A 91 18.30 58.00 14.92
N PRO A 92 19.44 58.11 15.61
CA PRO A 92 20.64 58.77 15.08
C PRO A 92 21.18 58.08 13.82
N SER A 93 21.07 56.75 13.79
CA SER A 93 21.54 55.96 12.66
C SER A 93 20.71 54.67 12.59
N SER A 94 20.83 53.97 11.47
CA SER A 94 20.11 52.72 11.28
C SER A 94 20.75 51.58 12.06
N ILE A 95 19.94 50.86 12.82
CA ILE A 95 20.41 49.73 13.61
C ILE A 95 20.21 48.45 12.78
N GLU A 96 21.27 47.67 12.66
CA GLU A 96 21.20 46.43 11.90
C GLU A 96 21.31 45.23 12.84
N LYS A 97 20.75 44.10 12.41
CA LYS A 97 20.78 42.86 13.18
C LYS A 97 20.98 41.72 12.17
N THR A 98 21.67 40.66 12.57
CA THR A 98 21.93 39.54 11.68
C THR A 98 21.75 38.17 12.34
N ILE A 99 21.02 37.27 11.67
CA ILE A 99 20.78 35.93 12.21
C ILE A 99 21.12 34.83 11.20
N SER A 100 21.48 33.67 11.72
CA SER A 100 21.82 32.49 10.93
C SER A 100 21.65 31.30 11.85
N LYS A 101 21.66 30.08 11.30
CA LYS A 101 21.52 28.90 12.16
C LYS A 101 22.83 28.68 12.93
N ALA A 102 22.74 28.03 14.08
CA ALA A 102 23.90 27.75 14.92
C ALA A 102 24.98 27.06 14.10
N LYS A 103 25.96 27.84 13.65
CA LYS A 103 27.07 27.35 12.84
C LYS A 103 27.77 26.15 13.47
N GLY A 104 27.75 25.03 12.76
CA GLY A 104 28.41 23.83 13.25
C GLY A 104 27.90 22.60 12.54
N GLN A 105 28.72 21.56 12.49
CA GLN A 105 28.34 20.32 11.83
C GLN A 105 27.20 19.65 12.60
N PRO A 106 26.07 19.38 11.92
CA PRO A 106 24.90 18.75 12.53
C PRO A 106 25.11 17.33 13.01
N ARG A 107 24.45 17.01 14.11
CA ARG A 107 24.52 15.69 14.72
C ARG A 107 23.11 15.16 14.92
N GLU A 108 22.91 13.93 14.47
CA GLU A 108 21.63 13.24 14.56
C GLU A 108 21.29 12.88 15.99
N PRO A 109 20.11 13.33 16.48
CA PRO A 109 19.69 13.04 17.85
C PRO A 109 19.38 11.57 18.07
N GLN A 110 19.63 11.11 19.28
CA GLN A 110 19.35 9.73 19.66
C GLN A 110 18.15 9.85 20.59
N VAL A 111 17.09 9.11 20.29
CA VAL A 111 15.87 9.18 21.09
C VAL A 111 15.63 7.90 21.88
N TYR A 112 15.35 8.06 23.17
CA TYR A 112 15.09 6.92 24.05
C TYR A 112 13.85 7.25 24.89
N THR A 113 12.93 6.31 24.96
CA THR A 113 11.74 6.52 25.76
C THR A 113 11.96 5.80 27.08
N LEU A 114 11.42 6.37 28.15
CA LEU A 114 11.58 5.79 29.48
C LEU A 114 10.21 5.66 30.11
N PRO A 115 9.85 4.45 30.56
CA PRO A 115 8.56 4.19 31.20
C PRO A 115 8.52 4.84 32.58
N PRO A 116 7.35 4.87 33.23
CA PRO A 116 7.14 5.45 34.56
C PRO A 116 7.96 4.77 35.65
N SER A 117 8.50 5.56 36.57
CA SER A 117 9.26 4.99 37.67
C SER A 117 8.26 4.17 38.48
N GLN A 118 8.66 2.98 38.93
CA GLN A 118 7.78 2.12 39.71
C GLN A 118 7.25 2.80 40.97
N GLU A 119 7.92 3.87 41.41
CA GLU A 119 7.49 4.61 42.60
C GLU A 119 6.33 5.52 42.23
N GLU A 120 6.32 5.97 40.98
CA GLU A 120 5.27 6.86 40.48
C GLU A 120 3.95 6.14 40.27
N MET A 121 4.00 4.82 40.11
CA MET A 121 2.80 4.02 39.91
C MET A 121 1.85 4.13 41.10
N THR A 122 2.37 4.60 42.23
CA THR A 122 1.56 4.78 43.42
C THR A 122 0.59 5.93 43.19
N LYS A 123 0.90 6.79 42.22
CA LYS A 123 0.08 7.93 41.88
C LYS A 123 -0.92 7.64 40.78
N ASN A 124 -1.88 8.55 40.61
CA ASN A 124 -2.93 8.41 39.60
C ASN A 124 -2.49 8.78 38.19
N GLN A 125 -1.51 9.67 38.07
CA GLN A 125 -1.02 10.08 36.75
C GLN A 125 0.47 9.82 36.61
N VAL A 126 0.84 8.75 35.91
CA VAL A 126 2.25 8.44 35.70
C VAL A 126 2.78 9.29 34.55
N SER A 127 4.09 9.51 34.52
CA SER A 127 4.67 10.30 33.47
C SER A 127 5.65 9.51 32.62
N LEU A 128 5.52 9.68 31.30
CA LEU A 128 6.37 9.02 30.33
C LEU A 128 7.46 9.98 29.92
N THR A 129 8.71 9.52 29.89
CA THR A 129 9.80 10.41 29.54
C THR A 129 10.40 10.07 28.17
N CYS A 130 10.95 11.08 27.51
CA CYS A 130 11.59 10.90 26.22
C CYS A 130 12.93 11.64 26.23
N LEU A 131 14.02 10.88 26.22
CA LEU A 131 15.35 11.45 26.23
C LEU A 131 15.81 11.64 24.80
N VAL A 132 16.10 12.88 24.43
CA VAL A 132 16.57 13.19 23.09
C VAL A 132 17.94 13.83 23.26
N LYS A 133 19.01 13.09 23.01
CA LYS A 133 20.34 13.64 23.20
C LYS A 133 21.34 13.42 22.07
N GLY A 134 22.45 14.14 22.17
CA GLY A 134 23.52 14.05 21.19
C GLY A 134 23.28 14.77 19.88
N PHE A 135 22.31 15.69 19.88
CA PHE A 135 21.98 16.42 18.66
C PHE A 135 22.57 17.82 18.60
N TYR A 136 22.62 18.35 17.38
CA TYR A 136 23.15 19.68 17.10
C TYR A 136 22.72 20.01 15.68
N PRO A 137 22.27 21.24 15.42
CA PRO A 137 22.13 22.35 16.38
C PRO A 137 21.01 22.09 17.38
N SER A 138 20.75 23.05 18.24
CA SER A 138 19.71 22.92 19.25
C SER A 138 18.35 22.82 18.62
N ASP A 139 18.12 23.61 17.58
CA ASP A 139 16.85 23.64 16.87
C ASP A 139 16.33 22.22 16.60
N ILE A 140 15.26 21.85 17.28
CA ILE A 140 14.66 20.54 17.18
C ILE A 140 13.15 20.69 17.46
N ALA A 141 12.38 19.63 17.24
CA ALA A 141 10.94 19.66 17.48
C ALA A 141 10.47 18.32 18.02
N VAL A 142 9.93 18.31 19.23
CA VAL A 142 9.46 17.05 19.82
C VAL A 142 7.96 17.12 20.12
N GLU A 143 7.24 16.08 19.72
CA GLU A 143 5.81 16.01 19.96
C GLU A 143 5.47 14.61 20.42
N TRP A 144 4.31 14.47 21.06
CA TRP A 144 3.85 13.18 21.53
C TRP A 144 2.50 12.86 20.90
N GLU A 145 2.27 11.58 20.63
CA GLU A 145 1.01 11.15 20.03
C GLU A 145 0.72 9.72 20.46
N SER A 146 -0.55 9.44 20.72
CA SER A 146 -0.98 8.11 21.13
C SER A 146 -1.44 7.34 19.91
N ASN A 147 -2.74 7.17 19.76
CA ASN A 147 -3.29 6.46 18.62
C ASN A 147 -3.49 7.44 17.46
N GLY A 148 -2.39 7.81 16.81
CA GLY A 148 -2.45 8.72 15.69
C GLY A 148 -3.18 10.01 16.00
N GLN A 149 -2.98 10.54 17.19
CA GLN A 149 -3.61 11.78 17.62
C GLN A 149 -2.63 12.45 18.58
N PRO A 150 -2.36 13.75 18.39
CA PRO A 150 -1.43 14.46 19.27
C PRO A 150 -1.97 14.52 20.70
N GLU A 151 -1.08 14.34 21.66
CA GLU A 151 -1.45 14.41 23.07
C GLU A 151 -0.98 15.79 23.49
N ASN A 152 -1.89 16.62 23.99
CA ASN A 152 -1.50 17.97 24.40
C ASN A 152 -0.89 18.08 25.80
N ASN A 153 -1.12 17.08 26.63
CA ASN A 153 -0.61 17.07 28.00
C ASN A 153 0.84 16.62 28.13
N TYR A 154 1.77 17.46 27.67
CA TYR A 154 3.20 17.17 27.74
C TYR A 154 4.02 18.46 27.68
N LYS A 155 5.19 18.45 28.29
CA LYS A 155 6.07 19.62 28.28
C LYS A 155 7.45 19.14 27.89
N THR A 156 8.25 20.06 27.35
CA THR A 156 9.60 19.71 26.92
C THR A 156 10.61 20.74 27.44
N THR A 157 11.67 20.25 28.07
CA THR A 157 12.70 21.10 28.62
C THR A 157 13.58 21.64 27.48
N PRO A 158 14.07 22.89 27.60
CA PRO A 158 14.92 23.43 26.54
C PRO A 158 16.22 22.62 26.40
N PRO A 159 16.91 22.77 25.26
CA PRO A 159 18.16 22.05 25.01
C PRO A 159 19.26 22.47 25.95
N VAL A 160 19.84 21.50 26.65
CA VAL A 160 20.94 21.73 27.57
C VAL A 160 22.24 21.38 26.85
N LEU A 161 23.19 22.30 26.83
CA LEU A 161 24.48 22.08 26.16
C LEU A 161 25.34 21.10 26.94
N ASP A 162 25.33 19.85 26.49
CA ASP A 162 26.08 18.78 27.12
C ASP A 162 27.58 19.01 26.99
N SER A 163 28.35 18.21 27.70
CA SER A 163 29.81 18.31 27.67
C SER A 163 30.38 18.03 26.27
N ASP A 164 29.75 17.09 25.57
CA ASP A 164 30.18 16.69 24.23
C ASP A 164 29.97 17.74 23.14
N GLY A 165 29.64 18.97 23.53
CA GLY A 165 29.42 20.02 22.55
C GLY A 165 28.01 19.96 21.98
N SER A 166 27.41 18.78 22.05
CA SER A 166 26.05 18.56 21.55
C SER A 166 25.02 19.06 22.55
N PHE A 167 23.75 18.79 22.26
CA PHE A 167 22.67 19.20 23.14
C PHE A 167 21.86 18.00 23.54
N PHE A 168 20.92 18.21 24.47
CA PHE A 168 20.04 17.17 24.93
C PHE A 168 18.87 17.82 25.62
N LEU A 169 17.74 17.11 25.69
CA LEU A 169 16.55 17.63 26.34
C LEU A 169 15.67 16.47 26.79
N TYR A 170 14.59 16.79 27.50
CA TYR A 170 13.68 15.77 27.97
C TYR A 170 12.26 16.24 27.71
N SER A 171 11.41 15.33 27.27
CA SER A 171 10.02 15.66 27.02
C SER A 171 9.25 14.74 27.94
N ARG A 172 8.33 15.31 28.71
CA ARG A 172 7.54 14.52 29.65
C ARG A 172 6.05 14.54 29.36
N LEU A 173 5.50 13.37 29.03
CA LEU A 173 4.08 13.24 28.76
C LEU A 173 3.45 12.81 30.09
N THR A 174 2.31 13.40 30.43
CA THR A 174 1.62 13.05 31.67
C THR A 174 0.35 12.32 31.29
N VAL A 175 0.27 11.03 31.62
CA VAL A 175 -0.92 10.24 31.30
C VAL A 175 -1.50 9.53 32.51
N ASP A 176 -2.83 9.42 32.56
CA ASP A 176 -3.48 8.73 33.66
C ASP A 176 -2.92 7.32 33.70
N LYS A 177 -2.59 6.85 34.88
CA LYS A 177 -2.04 5.52 35.03
C LYS A 177 -3.03 4.47 34.53
N SER A 178 -4.31 4.81 34.55
CA SER A 178 -5.33 3.88 34.06
C SER A 178 -5.05 3.59 32.59
N ARG A 179 -4.78 4.65 31.83
CA ARG A 179 -4.48 4.52 30.41
C ARG A 179 -3.18 3.77 30.20
N TRP A 180 -2.18 4.07 31.02
CA TRP A 180 -0.89 3.40 30.91
C TRP A 180 -1.04 1.90 31.23
N GLN A 181 -1.89 1.59 32.20
CA GLN A 181 -2.14 0.21 32.58
C GLN A 181 -2.80 -0.60 31.47
N GLU A 182 -3.59 0.08 30.64
CA GLU A 182 -4.29 -0.56 29.53
C GLU A 182 -3.38 -1.01 28.39
N GLY A 183 -2.08 -0.76 28.52
CA GLY A 183 -1.15 -1.16 27.49
C GLY A 183 -1.20 -0.32 26.23
N ASN A 184 -1.61 0.94 26.37
CA ASN A 184 -1.66 1.84 25.22
C ASN A 184 -0.23 2.11 24.78
N VAL A 185 -0.06 2.38 23.49
CA VAL A 185 1.26 2.67 22.94
C VAL A 185 1.40 4.15 22.58
N PHE A 186 2.30 4.83 23.27
CA PHE A 186 2.52 6.26 23.03
C PHE A 186 3.80 6.39 22.22
N SER A 187 3.96 7.50 21.51
CA SER A 187 5.15 7.68 20.69
C SER A 187 5.78 9.06 20.82
N CYS A 188 7.10 9.10 20.88
CA CYS A 188 7.86 10.34 20.98
C CYS A 188 8.36 10.64 19.59
N SER A 189 7.76 11.65 18.95
CA SER A 189 8.13 12.02 17.60
C SER A 189 9.09 13.20 17.62
N VAL A 190 10.25 13.03 17.02
CA VAL A 190 11.23 14.11 16.97
C VAL A 190 11.63 14.46 15.54
N MET A 191 11.68 15.75 15.28
CA MET A 191 12.06 16.29 13.97
C MET A 191 13.35 17.05 14.13
N HIS A 192 14.33 16.75 13.30
CA HIS A 192 15.62 17.43 13.35
C HIS A 192 16.36 17.33 12.03
N GLU A 193 17.02 18.43 11.68
CA GLU A 193 17.79 18.55 10.45
C GLU A 193 18.60 17.31 10.05
N ALA A 194 19.44 16.81 10.94
CA ALA A 194 20.28 15.66 10.65
C ALA A 194 19.64 14.27 10.71
N LEU A 195 18.31 14.21 10.73
CA LEU A 195 17.64 12.91 10.77
C LEU A 195 17.28 12.48 9.34
N HIS A 196 17.31 11.17 9.10
CA HIS A 196 17.01 10.61 7.78
C HIS A 196 15.93 11.30 6.94
N ASN A 197 14.77 11.55 7.54
CA ASN A 197 13.67 12.19 6.82
C ASN A 197 13.22 13.37 7.67
N HIS A 198 14.14 13.93 8.44
CA HIS A 198 13.83 15.05 9.33
C HIS A 198 12.74 14.60 10.30
N TYR A 199 12.64 13.29 10.52
CA TYR A 199 11.62 12.72 11.38
C TYR A 199 12.05 11.37 11.95
N THR A 200 11.55 11.05 13.14
CA THR A 200 11.81 9.77 13.80
C THR A 200 10.99 9.72 15.08
N GLN A 201 10.49 8.54 15.44
CA GLN A 201 9.67 8.43 16.63
C GLN A 201 9.85 7.10 17.35
N LYS A 202 9.76 7.13 18.68
CA LYS A 202 9.92 5.93 19.48
C LYS A 202 8.68 5.70 20.34
N SER A 203 8.22 4.46 20.39
CA SER A 203 7.03 4.13 21.16
C SER A 203 7.29 3.57 22.56
N LEU A 204 6.24 3.58 23.37
CA LEU A 204 6.26 3.09 24.75
C LEU A 204 4.98 2.29 24.96
N SER A 205 5.06 1.24 25.77
CA SER A 205 3.91 0.39 26.06
C SER A 205 4.14 -0.39 27.35
N LEU A 206 3.18 -1.23 27.73
CA LEU A 206 3.28 -2.04 28.94
C LEU A 206 3.05 -3.49 28.53
N TYR B 1 12.51 -0.10 -11.91
CA TYR B 1 13.20 -0.99 -10.94
C TYR B 1 12.43 -2.30 -10.85
N VAL B 2 13.06 -3.35 -10.34
CA VAL B 2 12.42 -4.64 -10.21
C VAL B 2 12.68 -5.25 -8.83
N LEU B 3 11.62 -5.73 -8.20
CA LEU B 3 11.70 -6.35 -6.89
C LEU B 3 11.22 -7.79 -7.09
N THR B 4 11.78 -8.73 -6.35
CA THR B 4 11.39 -10.12 -6.52
C THR B 4 11.30 -10.86 -5.21
N GLN B 5 10.09 -11.27 -4.85
CA GLN B 5 9.89 -12.00 -3.61
C GLN B 5 9.17 -13.32 -3.85
N PRO B 6 9.59 -14.38 -3.15
CA PRO B 6 9.01 -15.72 -3.27
C PRO B 6 7.49 -15.71 -3.13
N PRO B 7 6.81 -16.45 -4.01
CA PRO B 7 5.34 -16.55 -4.03
C PRO B 7 4.77 -16.87 -2.65
N SER B 8 5.27 -17.92 -2.03
CA SER B 8 4.78 -18.32 -0.71
C SER B 8 5.90 -18.72 0.23
N VAL B 9 5.58 -18.76 1.52
CA VAL B 9 6.53 -19.14 2.56
C VAL B 9 5.71 -19.83 3.64
N SER B 10 5.95 -21.12 3.82
CA SER B 10 5.21 -21.88 4.81
C SER B 10 6.07 -22.15 6.03
N VAL B 11 5.65 -21.64 7.18
CA VAL B 11 6.39 -21.84 8.42
C VAL B 11 5.43 -22.21 9.55
N ALA B 12 5.79 -23.24 10.29
CA ALA B 12 4.97 -23.70 11.42
C ALA B 12 5.10 -22.69 12.55
N PRO B 13 4.06 -22.58 13.41
CA PRO B 13 4.08 -21.63 14.54
C PRO B 13 5.38 -21.73 15.33
N GLY B 14 5.81 -20.61 15.89
CA GLY B 14 7.04 -20.58 16.67
C GLY B 14 8.26 -20.27 15.83
N GLN B 15 8.34 -20.87 14.64
CA GLN B 15 9.48 -20.65 13.75
C GLN B 15 9.53 -19.21 13.27
N THR B 16 10.63 -18.81 12.66
CA THR B 16 10.76 -17.45 12.16
C THR B 16 10.59 -17.43 10.65
N ALA B 17 9.70 -16.58 10.18
CA ALA B 17 9.48 -16.46 8.74
C ALA B 17 10.33 -15.32 8.21
N ARG B 18 11.23 -15.62 7.29
CA ARG B 18 12.09 -14.61 6.71
C ARG B 18 11.65 -14.45 5.25
N ILE B 19 11.06 -13.31 4.93
CA ILE B 19 10.58 -13.04 3.58
C ILE B 19 11.61 -12.23 2.81
N THR B 20 12.12 -12.78 1.71
CA THR B 20 13.13 -12.12 0.89
C THR B 20 12.59 -11.24 -0.23
N CYS B 21 13.08 -10.01 -0.29
CA CYS B 21 12.69 -9.05 -1.31
C CYS B 21 13.91 -8.74 -2.17
N GLY B 22 14.03 -9.43 -3.30
CA GLY B 22 15.16 -9.21 -4.20
C GLY B 22 15.09 -7.91 -4.97
N GLY B 23 16.23 -7.26 -5.14
CA GLY B 23 16.29 -6.02 -5.87
C GLY B 23 17.71 -5.67 -6.25
N ASN B 24 17.91 -5.20 -7.49
CA ASN B 24 19.24 -4.84 -7.99
C ASN B 24 19.75 -3.59 -7.29
N ASN B 25 20.73 -3.75 -6.40
CA ASN B 25 21.31 -2.64 -5.64
C ASN B 25 20.25 -2.02 -4.73
N ILE B 26 19.37 -2.88 -4.22
CA ILE B 26 18.28 -2.49 -3.33
C ILE B 26 18.82 -1.83 -2.06
N GLY B 27 20.09 -2.08 -1.77
CA GLY B 27 20.73 -1.51 -0.61
C GLY B 27 20.86 0.01 -0.65
N SER B 28 20.68 0.60 -1.84
CA SER B 28 20.75 2.04 -1.99
C SER B 28 19.37 2.66 -1.81
N LYS B 29 18.37 1.80 -1.66
CA LYS B 29 17.00 2.24 -1.49
C LYS B 29 16.45 1.74 -0.17
N SER B 30 15.43 2.42 0.33
CA SER B 30 14.81 2.03 1.58
C SER B 30 13.54 1.23 1.34
N VAL B 31 13.62 -0.06 1.60
CA VAL B 31 12.48 -0.97 1.44
C VAL B 31 11.40 -0.71 2.48
N HIS B 32 10.14 -0.94 2.09
CA HIS B 32 9.00 -0.76 2.97
C HIS B 32 8.22 -2.05 2.88
N TRP B 33 7.50 -2.41 3.93
CA TRP B 33 6.71 -3.63 3.94
C TRP B 33 5.28 -3.39 4.38
N TYR B 34 4.37 -4.04 3.68
CA TYR B 34 2.94 -3.90 3.96
C TYR B 34 2.34 -5.28 4.19
N GLN B 35 1.34 -5.35 5.05
CA GLN B 35 0.67 -6.61 5.34
C GLN B 35 -0.78 -6.49 4.89
N GLN B 36 -1.16 -7.31 3.92
CA GLN B 36 -2.53 -7.29 3.42
C GLN B 36 -3.24 -8.56 3.77
N LYS B 37 -4.24 -8.46 4.64
CA LYS B 37 -5.03 -9.61 5.05
C LYS B 37 -6.18 -9.75 4.06
N PRO B 38 -6.67 -10.99 3.85
CA PRO B 38 -7.78 -11.24 2.93
C PRO B 38 -8.95 -10.29 3.18
N GLY B 39 -9.33 -9.56 2.14
CA GLY B 39 -10.44 -8.63 2.26
C GLY B 39 -10.19 -7.44 3.17
N GLN B 40 -8.93 -7.06 3.33
CA GLN B 40 -8.54 -5.94 4.17
C GLN B 40 -7.44 -5.17 3.46
N ALA B 41 -7.47 -3.84 3.56
CA ALA B 41 -6.47 -2.99 2.93
C ALA B 41 -5.12 -3.24 3.62
N PRO B 42 -4.01 -3.21 2.87
CA PRO B 42 -2.67 -3.43 3.41
C PRO B 42 -2.26 -2.42 4.49
N VAL B 43 -1.40 -2.86 5.40
CA VAL B 43 -0.92 -2.01 6.49
C VAL B 43 0.60 -1.95 6.52
N LEU B 44 1.14 -0.78 6.82
CA LEU B 44 2.59 -0.59 6.89
C LEU B 44 3.14 -1.21 8.17
N VAL B 45 3.88 -2.31 8.03
CA VAL B 45 4.46 -2.97 9.22
C VAL B 45 5.91 -2.56 9.45
N VAL B 46 6.60 -2.21 8.38
CA VAL B 46 7.99 -1.81 8.45
C VAL B 46 8.23 -0.79 7.36
N TYR B 47 9.00 0.24 7.67
CA TYR B 47 9.31 1.26 6.68
C TYR B 47 10.76 1.66 6.85
N ASP B 48 11.30 2.38 5.87
CA ASP B 48 12.69 2.80 5.91
C ASP B 48 13.64 1.71 6.41
N ASP B 49 13.50 0.52 5.83
CA ASP B 49 14.32 -0.65 6.15
C ASP B 49 14.05 -1.40 7.45
N SER B 50 14.16 -0.71 8.59
CA SER B 50 13.97 -1.40 9.86
C SER B 50 12.99 -0.79 10.87
N ASP B 51 12.52 0.42 10.61
CA ASP B 51 11.58 1.09 11.51
C ASP B 51 10.17 0.48 11.53
N ARG B 52 9.59 0.41 12.72
CA ARG B 52 8.26 -0.15 12.91
C ARG B 52 7.29 0.92 13.41
N PRO B 53 6.12 1.05 12.76
CA PRO B 53 5.11 2.03 13.15
C PRO B 53 4.52 1.67 14.51
N PRO B 54 4.17 2.67 15.32
CA PRO B 54 3.58 2.46 16.66
C PRO B 54 2.50 1.39 16.65
N GLY B 55 2.68 0.36 17.47
CA GLY B 55 1.67 -0.68 17.53
C GLY B 55 2.07 -2.00 16.89
N ILE B 56 2.85 -1.94 15.82
CA ILE B 56 3.28 -3.18 15.16
C ILE B 56 4.23 -3.93 16.09
N PRO B 57 3.92 -5.20 16.40
CA PRO B 57 4.72 -6.05 17.28
C PRO B 57 6.20 -6.16 16.99
N GLU B 58 6.97 -6.18 18.07
CA GLU B 58 8.43 -6.27 18.06
C GLU B 58 9.00 -7.37 17.17
N ARG B 59 8.35 -8.53 17.16
CA ARG B 59 8.81 -9.66 16.36
C ARG B 59 8.92 -9.38 14.86
N PHE B 60 8.41 -8.24 14.43
CA PHE B 60 8.48 -7.82 13.03
C PHE B 60 9.74 -6.99 12.83
N SER B 61 10.76 -7.57 12.21
CA SER B 61 12.01 -6.86 12.00
C SER B 61 12.34 -6.73 10.52
N GLY B 62 12.89 -5.58 10.13
CA GLY B 62 13.25 -5.36 8.75
C GLY B 62 14.76 -5.40 8.57
N SER B 63 15.20 -5.85 7.41
CA SER B 63 16.63 -5.94 7.10
C SER B 63 16.81 -5.61 5.62
N ASN B 64 17.94 -4.98 5.28
CA ASN B 64 18.21 -4.63 3.88
C ASN B 64 19.65 -4.20 3.64
N SER B 65 20.31 -4.89 2.69
CA SER B 65 21.70 -4.57 2.35
C SER B 65 22.11 -5.31 1.09
N GLY B 66 22.99 -4.69 0.30
CA GLY B 66 23.46 -5.31 -0.92
C GLY B 66 22.33 -5.51 -1.92
N ASN B 67 22.10 -6.77 -2.31
CA ASN B 67 21.06 -7.07 -3.27
C ASN B 67 19.83 -7.72 -2.64
N THR B 68 19.69 -7.63 -1.32
CA THR B 68 18.53 -8.24 -0.67
C THR B 68 18.03 -7.57 0.61
N ALA B 69 16.70 -7.48 0.70
CA ALA B 69 16.01 -6.93 1.85
C ALA B 69 15.29 -8.13 2.44
N THR B 70 15.41 -8.35 3.74
CA THR B 70 14.77 -9.51 4.36
C THR B 70 13.85 -9.20 5.54
N LEU B 71 12.55 -9.39 5.35
CA LEU B 71 11.58 -9.16 6.42
C LEU B 71 11.64 -10.40 7.29
N THR B 72 11.86 -10.21 8.58
CA THR B 72 11.95 -11.34 9.49
C THR B 72 10.86 -11.26 10.54
N ILE B 73 10.16 -12.36 10.74
CA ILE B 73 9.09 -12.44 11.73
C ILE B 73 9.42 -13.54 12.72
N SER B 74 9.81 -13.15 13.92
CA SER B 74 10.15 -14.10 14.98
C SER B 74 8.87 -14.60 15.63
N ARG B 75 8.89 -15.84 16.12
CA ARG B 75 7.74 -16.46 16.78
C ARG B 75 6.47 -16.26 15.96
N VAL B 76 6.51 -16.69 14.70
CA VAL B 76 5.37 -16.55 13.79
C VAL B 76 4.09 -17.15 14.39
N GLU B 77 3.01 -16.39 14.33
CA GLU B 77 1.72 -16.83 14.86
C GLU B 77 0.67 -16.88 13.76
N ALA B 78 -0.43 -17.55 14.02
CA ALA B 78 -1.52 -17.69 13.04
C ALA B 78 -2.05 -16.33 12.59
N GLY B 79 -2.12 -15.38 13.50
CA GLY B 79 -2.61 -14.05 13.16
C GLY B 79 -1.70 -13.32 12.19
N ASP B 80 -0.52 -13.88 11.94
CA ASP B 80 0.44 -13.29 11.03
C ASP B 80 0.29 -13.86 9.61
N GLU B 81 -0.79 -14.60 9.39
CA GLU B 81 -1.06 -15.22 8.09
C GLU B 81 -1.74 -14.24 7.13
N ALA B 82 -0.97 -13.75 6.16
CA ALA B 82 -1.48 -12.81 5.16
C ALA B 82 -0.44 -12.62 4.05
N ASP B 83 -0.65 -11.65 3.19
CA ASP B 83 0.29 -11.37 2.12
C ASP B 83 1.19 -10.22 2.52
N TYR B 84 2.49 -10.38 2.30
CA TYR B 84 3.45 -9.34 2.65
C TYR B 84 4.06 -8.77 1.37
N TYR B 85 4.03 -7.45 1.24
CA TYR B 85 4.55 -6.77 0.07
C TYR B 85 5.71 -5.86 0.39
N CYS B 86 6.78 -5.93 -0.40
CA CYS B 86 7.91 -5.07 -0.19
C CYS B 86 7.86 -3.99 -1.25
N GLN B 87 7.81 -2.74 -0.83
CA GLN B 87 7.72 -1.62 -1.76
C GLN B 87 8.97 -0.78 -1.68
N VAL B 88 9.27 -0.10 -2.78
CA VAL B 88 10.43 0.77 -2.85
C VAL B 88 10.20 1.87 -3.87
N TRP B 89 10.54 3.10 -3.51
CA TRP B 89 10.35 4.21 -4.43
C TRP B 89 11.60 4.33 -5.29
N ASP B 90 11.42 4.20 -6.59
CA ASP B 90 12.53 4.29 -7.51
C ASP B 90 12.83 5.76 -7.79
N SER B 91 13.84 6.30 -7.13
CA SER B 91 14.23 7.69 -7.27
C SER B 91 14.58 8.08 -8.71
N SER B 92 15.13 7.14 -9.47
CA SER B 92 15.53 7.40 -10.85
C SER B 92 14.41 7.72 -11.85
N SER B 93 13.17 7.35 -11.55
CA SER B 93 12.08 7.61 -12.47
C SER B 93 10.76 8.04 -11.84
N ASP B 94 10.77 8.27 -10.53
CA ASP B 94 9.58 8.68 -9.81
C ASP B 94 8.42 7.70 -9.99
N HIS B 95 8.60 6.49 -9.48
CA HIS B 95 7.58 5.46 -9.57
C HIS B 95 7.71 4.55 -8.35
N ALA B 96 6.58 4.13 -7.79
CA ALA B 96 6.60 3.27 -6.61
C ALA B 96 6.41 1.82 -7.04
N VAL B 97 7.47 1.04 -6.93
CA VAL B 97 7.43 -0.37 -7.30
C VAL B 97 7.19 -1.29 -6.10
N PHE B 98 6.17 -2.13 -6.23
CA PHE B 98 5.81 -3.08 -5.19
C PHE B 98 6.29 -4.44 -5.64
N GLY B 99 6.53 -5.32 -4.68
CA GLY B 99 6.96 -6.66 -5.04
C GLY B 99 5.73 -7.47 -5.40
N GLY B 100 5.95 -8.69 -5.87
CA GLY B 100 4.84 -9.55 -6.24
C GLY B 100 3.95 -9.94 -5.08
N GLY B 101 4.54 -10.02 -3.89
CA GLY B 101 3.78 -10.39 -2.71
C GLY B 101 4.15 -11.80 -2.30
N THR B 102 4.14 -12.05 -0.99
CA THR B 102 4.49 -13.36 -0.47
C THR B 102 3.40 -13.84 0.49
N LYS B 103 3.01 -15.10 0.36
CA LYS B 103 1.99 -15.65 1.24
C LYS B 103 2.58 -16.42 2.41
N LEU B 104 2.53 -15.81 3.58
CA LEU B 104 3.04 -16.41 4.81
C LEU B 104 2.03 -17.40 5.35
N THR B 105 2.14 -18.65 4.94
CA THR B 105 1.22 -19.67 5.41
C THR B 105 1.71 -20.32 6.71
N VAL B 106 1.12 -19.91 7.83
CA VAL B 106 1.46 -20.47 9.13
C VAL B 106 0.94 -21.91 9.10
N LEU B 107 1.87 -22.86 9.07
CA LEU B 107 1.50 -24.28 9.02
C LEU B 107 0.59 -24.73 10.15
N GLY B 108 -0.47 -25.43 9.79
CA GLY B 108 -1.41 -25.94 10.77
C GLY B 108 -1.67 -27.42 10.50
N GLN B 109 -2.16 -27.70 9.30
CA GLN B 109 -2.45 -29.08 8.89
C GLN B 109 -1.34 -29.60 7.99
N PRO B 110 -1.36 -30.91 7.66
CA PRO B 110 -0.32 -31.47 6.80
C PRO B 110 -0.50 -31.00 5.36
N LYS B 111 0.55 -31.18 4.55
CA LYS B 111 0.54 -30.75 3.15
C LYS B 111 -0.20 -31.76 2.27
N ALA B 112 -1.08 -31.25 1.42
CA ALA B 112 -1.87 -32.07 0.52
C ALA B 112 -1.34 -31.97 -0.91
N ALA B 113 -1.31 -33.11 -1.60
CA ALA B 113 -0.84 -33.18 -2.97
C ALA B 113 -1.94 -32.72 -3.92
N PRO B 114 -1.65 -31.72 -4.76
CA PRO B 114 -2.60 -31.15 -5.72
C PRO B 114 -2.98 -32.09 -6.87
N SER B 115 -4.27 -32.25 -7.08
CA SER B 115 -4.78 -33.07 -8.17
C SER B 115 -5.08 -32.09 -9.29
N VAL B 116 -4.47 -32.28 -10.46
CA VAL B 116 -4.70 -31.39 -11.58
C VAL B 116 -5.17 -32.13 -12.83
N THR B 117 -6.21 -31.58 -13.48
CA THR B 117 -6.76 -32.15 -14.71
C THR B 117 -6.98 -31.03 -15.72
N LEU B 118 -6.46 -31.23 -16.93
CA LEU B 118 -6.62 -30.24 -17.99
C LEU B 118 -7.69 -30.73 -18.95
N PHE B 119 -8.70 -29.90 -19.18
CA PHE B 119 -9.79 -30.25 -20.08
C PHE B 119 -9.66 -29.51 -21.40
N PRO B 120 -9.87 -30.22 -22.52
CA PRO B 120 -9.77 -29.65 -23.86
C PRO B 120 -10.98 -28.75 -24.12
N PRO B 121 -10.78 -27.67 -24.89
CA PRO B 121 -11.92 -26.79 -25.17
C PRO B 121 -12.97 -27.57 -25.96
N SER B 122 -14.20 -27.59 -25.49
CA SER B 122 -15.28 -28.32 -26.16
C SER B 122 -15.52 -27.77 -27.57
N SER B 123 -15.98 -28.64 -28.46
CA SER B 123 -16.25 -28.25 -29.85
C SER B 123 -17.15 -27.02 -29.94
N GLU B 124 -18.07 -26.88 -28.98
CA GLU B 124 -18.97 -25.73 -28.95
C GLU B 124 -18.21 -24.41 -28.92
N GLU B 125 -17.12 -24.38 -28.14
CA GLU B 125 -16.29 -23.18 -28.05
C GLU B 125 -15.67 -22.94 -29.41
N LEU B 126 -15.14 -24.01 -30.01
CA LEU B 126 -14.52 -23.94 -31.32
C LEU B 126 -15.54 -23.38 -32.32
N GLN B 127 -16.80 -23.79 -32.16
CA GLN B 127 -17.88 -23.33 -33.03
C GLN B 127 -18.02 -21.82 -32.91
N ALA B 128 -17.86 -21.31 -31.70
CA ALA B 128 -17.96 -19.88 -31.45
C ALA B 128 -16.65 -19.16 -31.81
N ASN B 129 -15.76 -19.88 -32.48
CA ASN B 129 -14.46 -19.37 -32.92
C ASN B 129 -13.58 -18.90 -31.76
N LYS B 130 -13.54 -19.72 -30.71
CA LYS B 130 -12.73 -19.45 -29.53
C LYS B 130 -12.25 -20.79 -29.01
N ALA B 131 -11.16 -20.80 -28.25
CA ALA B 131 -10.63 -22.03 -27.69
C ALA B 131 -10.03 -21.73 -26.33
N THR B 132 -10.48 -22.45 -25.31
CA THR B 132 -9.99 -22.23 -23.97
C THR B 132 -9.56 -23.51 -23.27
N LEU B 133 -8.33 -23.51 -22.76
CA LEU B 133 -7.79 -24.65 -22.04
C LEU B 133 -8.07 -24.36 -20.57
N VAL B 134 -8.77 -25.28 -19.89
CA VAL B 134 -9.10 -25.10 -18.49
C VAL B 134 -8.33 -26.08 -17.61
N CYS B 135 -7.37 -25.56 -16.86
CA CYS B 135 -6.54 -26.36 -15.97
C CYS B 135 -7.05 -26.19 -14.54
N LEU B 136 -7.58 -27.26 -13.97
CA LEU B 136 -8.12 -27.23 -12.62
C LEU B 136 -7.18 -27.89 -11.63
N ILE B 137 -6.84 -27.17 -10.55
CA ILE B 137 -5.94 -27.66 -9.52
C ILE B 137 -6.75 -27.69 -8.22
N SER B 138 -6.71 -28.82 -7.52
CA SER B 138 -7.48 -28.94 -6.29
C SER B 138 -6.79 -29.71 -5.17
N ASP B 139 -7.39 -29.63 -3.98
CA ASP B 139 -6.91 -30.30 -2.76
C ASP B 139 -5.45 -30.11 -2.41
N PHE B 140 -4.98 -28.88 -2.37
CA PHE B 140 -3.60 -28.62 -2.04
C PHE B 140 -3.41 -27.67 -0.86
N TYR B 141 -2.37 -27.95 -0.07
CA TYR B 141 -2.02 -27.16 1.10
C TYR B 141 -0.50 -27.20 1.22
N PRO B 142 0.15 -26.03 1.43
CA PRO B 142 -0.40 -24.68 1.56
C PRO B 142 -1.16 -24.24 0.31
N GLY B 143 -2.05 -23.27 0.48
CA GLY B 143 -2.82 -22.76 -0.64
C GLY B 143 -2.01 -21.84 -1.53
N ALA B 144 -1.08 -22.42 -2.28
CA ALA B 144 -0.24 -21.64 -3.17
C ALA B 144 0.46 -22.57 -4.16
N VAL B 145 0.19 -22.36 -5.43
CA VAL B 145 0.77 -23.15 -6.51
C VAL B 145 1.04 -22.26 -7.72
N THR B 146 2.14 -22.54 -8.41
CA THR B 146 2.48 -21.78 -9.60
C THR B 146 2.10 -22.60 -10.82
N VAL B 147 1.13 -22.12 -11.58
CA VAL B 147 0.68 -22.81 -12.77
C VAL B 147 1.36 -22.21 -14.00
N ALA B 148 1.78 -23.09 -14.92
CA ALA B 148 2.45 -22.64 -16.14
C ALA B 148 1.90 -23.39 -17.35
N TRP B 149 1.80 -22.67 -18.47
CA TRP B 149 1.31 -23.24 -19.72
C TRP B 149 2.41 -23.26 -20.76
N LYS B 150 2.41 -24.28 -21.60
CA LYS B 150 3.39 -24.38 -22.66
C LYS B 150 2.87 -25.18 -23.84
N ALA B 151 2.99 -24.60 -25.03
CA ALA B 151 2.55 -25.24 -26.27
C ALA B 151 3.76 -25.81 -27.00
N ASP B 152 3.82 -27.13 -27.08
CA ASP B 152 4.93 -27.83 -27.72
C ASP B 152 6.24 -27.59 -27.00
N GLY B 153 6.17 -27.53 -25.68
CA GLY B 153 7.36 -27.33 -24.86
C GLY B 153 7.64 -25.86 -24.58
N SER B 154 7.49 -25.02 -25.59
CA SER B 154 7.73 -23.59 -25.45
C SER B 154 6.62 -22.96 -24.61
N PRO B 155 7.01 -22.18 -23.59
CA PRO B 155 6.04 -21.52 -22.71
C PRO B 155 5.22 -20.43 -23.41
N VAL B 156 3.92 -20.45 -23.18
CA VAL B 156 3.02 -19.45 -23.75
C VAL B 156 2.69 -18.48 -22.63
N LYS B 157 3.10 -17.23 -22.80
CA LYS B 157 2.85 -16.20 -21.78
C LYS B 157 1.55 -15.43 -21.97
N ALA B 158 1.22 -15.10 -23.21
CA ALA B 158 0.00 -14.35 -23.51
C ALA B 158 -1.26 -15.21 -23.37
N GLY B 159 -2.35 -14.58 -22.93
CA GLY B 159 -3.62 -15.26 -22.78
C GLY B 159 -3.86 -16.05 -21.51
N VAL B 160 -2.88 -16.05 -20.61
CA VAL B 160 -3.02 -16.79 -19.35
C VAL B 160 -3.68 -15.90 -18.30
N GLU B 161 -4.58 -16.52 -17.52
CA GLU B 161 -5.30 -15.83 -16.44
C GLU B 161 -5.66 -16.86 -15.36
N THR B 162 -4.86 -16.88 -14.30
CA THR B 162 -5.07 -17.83 -13.22
C THR B 162 -5.69 -17.20 -11.99
N THR B 163 -6.57 -17.96 -11.34
CA THR B 163 -7.25 -17.51 -10.13
C THR B 163 -6.40 -17.83 -8.91
N THR B 164 -6.60 -17.08 -7.84
CA THR B 164 -5.88 -17.29 -6.59
C THR B 164 -6.48 -18.49 -5.86
N PRO B 165 -5.65 -19.26 -5.15
CA PRO B 165 -6.15 -20.41 -4.40
C PRO B 165 -7.24 -20.03 -3.41
N SER B 166 -8.22 -20.90 -3.26
CA SER B 166 -9.34 -20.66 -2.36
C SER B 166 -9.62 -21.94 -1.56
N LYS B 167 -9.82 -21.80 -0.25
CA LYS B 167 -10.11 -22.95 0.60
C LYS B 167 -11.59 -23.29 0.57
N GLN B 168 -12.39 -22.37 0.04
CA GLN B 168 -13.83 -22.53 -0.09
C GLN B 168 -14.55 -22.91 1.21
N SER B 169 -14.41 -24.17 1.62
CA SER B 169 -15.04 -24.66 2.85
C SER B 169 -14.48 -26.02 3.25
N ASN B 170 -14.08 -26.82 2.25
CA ASN B 170 -13.54 -28.15 2.49
C ASN B 170 -12.13 -28.15 3.08
N ASN B 171 -11.69 -26.99 3.56
CA ASN B 171 -10.37 -26.80 4.16
C ASN B 171 -9.24 -26.76 3.13
N LYS B 172 -9.22 -27.75 2.24
CA LYS B 172 -8.21 -27.84 1.18
C LYS B 172 -8.39 -26.69 0.21
N TYR B 173 -7.29 -26.21 -0.38
CA TYR B 173 -7.36 -25.13 -1.35
C TYR B 173 -7.51 -25.64 -2.77
N ALA B 174 -8.06 -24.79 -3.63
CA ALA B 174 -8.27 -25.10 -5.04
C ALA B 174 -7.99 -23.87 -5.86
N ALA B 175 -7.91 -24.04 -7.19
CA ALA B 175 -7.64 -22.93 -8.09
C ALA B 175 -7.99 -23.33 -9.53
N SER B 176 -7.89 -22.37 -10.44
CA SER B 176 -8.19 -22.60 -11.85
C SER B 176 -7.26 -21.73 -12.71
N SER B 177 -6.78 -22.30 -13.82
CA SER B 177 -5.90 -21.58 -14.72
C SER B 177 -6.50 -21.65 -16.12
N TYR B 178 -6.59 -20.50 -16.78
CA TYR B 178 -7.17 -20.42 -18.13
C TYR B 178 -6.16 -19.95 -19.17
N LEU B 179 -6.34 -20.42 -20.40
CA LEU B 179 -5.50 -20.06 -21.52
C LEU B 179 -6.44 -19.81 -22.69
N SER B 180 -6.91 -18.57 -22.80
CA SER B 180 -7.82 -18.19 -23.87
C SER B 180 -7.06 -17.92 -25.16
N LEU B 181 -7.03 -18.93 -26.03
CA LEU B 181 -6.34 -18.82 -27.31
C LEU B 181 -7.31 -18.95 -28.49
N THR B 182 -6.83 -18.60 -29.68
CA THR B 182 -7.65 -18.69 -30.88
C THR B 182 -7.82 -20.14 -31.32
N PRO B 183 -8.98 -20.47 -31.90
CA PRO B 183 -9.28 -21.83 -32.36
C PRO B 183 -8.23 -22.36 -33.35
N GLU B 184 -7.57 -21.46 -34.07
CA GLU B 184 -6.54 -21.84 -35.02
C GLU B 184 -5.25 -22.19 -34.28
N GLN B 185 -4.93 -21.41 -33.25
CA GLN B 185 -3.73 -21.64 -32.44
C GLN B 185 -3.83 -23.04 -31.83
N TRP B 186 -5.01 -23.38 -31.34
CA TRP B 186 -5.27 -24.67 -30.74
C TRP B 186 -4.96 -25.81 -31.71
N LYS B 187 -5.35 -25.63 -32.96
CA LYS B 187 -5.13 -26.65 -33.99
C LYS B 187 -3.72 -26.66 -34.56
N SER B 188 -2.97 -25.58 -34.36
CA SER B 188 -1.62 -25.48 -34.90
C SER B 188 -0.50 -25.92 -33.94
N HIS B 189 -0.80 -26.86 -33.05
CA HIS B 189 0.20 -27.35 -32.10
C HIS B 189 0.00 -28.83 -31.80
N LYS B 190 1.11 -29.55 -31.67
CA LYS B 190 1.06 -30.99 -31.41
C LYS B 190 0.44 -31.31 -30.05
N SER B 191 0.79 -30.53 -29.03
CA SER B 191 0.28 -30.75 -27.68
C SER B 191 0.44 -29.55 -26.76
N TYR B 192 -0.46 -29.42 -25.80
CA TYR B 192 -0.46 -28.33 -24.82
C TYR B 192 -0.30 -28.93 -23.42
N SER B 193 0.52 -28.30 -22.59
CA SER B 193 0.74 -28.81 -21.24
C SER B 193 0.57 -27.76 -20.15
N CYS B 194 -0.01 -28.21 -19.04
CA CYS B 194 -0.23 -27.34 -17.89
C CYS B 194 0.56 -27.92 -16.73
N GLN B 195 1.59 -27.20 -16.30
CA GLN B 195 2.42 -27.66 -15.19
C GLN B 195 2.26 -26.78 -13.96
N VAL B 196 1.85 -27.41 -12.87
CA VAL B 196 1.66 -26.73 -11.59
C VAL B 196 2.75 -27.15 -10.61
N THR B 197 3.45 -26.17 -10.06
CA THR B 197 4.52 -26.44 -9.11
C THR B 197 4.05 -26.10 -7.70
N HIS B 198 3.85 -27.12 -6.88
CA HIS B 198 3.41 -26.92 -5.50
C HIS B 198 4.58 -27.12 -4.55
N GLU B 199 5.44 -26.10 -4.48
CA GLU B 199 6.62 -26.10 -3.62
C GLU B 199 7.59 -27.22 -3.99
N GLY B 200 8.37 -26.98 -5.03
CA GLY B 200 9.34 -27.97 -5.48
C GLY B 200 8.71 -28.96 -6.45
N SER B 201 7.67 -29.66 -6.01
CA SER B 201 6.99 -30.64 -6.85
C SER B 201 6.26 -30.01 -8.03
N THR B 202 6.64 -30.41 -9.24
CA THR B 202 6.02 -29.92 -10.46
C THR B 202 5.23 -31.05 -11.12
N VAL B 203 3.91 -30.92 -11.13
CA VAL B 203 3.04 -31.92 -11.73
C VAL B 203 2.44 -31.29 -12.98
N GLU B 204 2.43 -32.04 -14.09
CA GLU B 204 1.88 -31.49 -15.31
C GLU B 204 1.06 -32.49 -16.11
N LYS B 205 0.05 -31.97 -16.80
CA LYS B 205 -0.83 -32.77 -17.63
C LYS B 205 -0.77 -32.23 -19.05
N THR B 206 -0.84 -33.11 -20.03
CA THR B 206 -0.76 -32.74 -21.43
C THR B 206 -2.06 -33.08 -22.16
N VAL B 207 -2.52 -32.14 -22.97
CA VAL B 207 -3.73 -32.31 -23.78
C VAL B 207 -3.32 -32.02 -25.23
N ALA B 208 -3.36 -33.06 -26.06
CA ALA B 208 -2.99 -32.94 -27.46
C ALA B 208 -4.22 -32.70 -28.33
N PRO B 209 -4.10 -31.81 -29.33
CA PRO B 209 -5.17 -31.47 -30.25
C PRO B 209 -5.74 -32.65 -31.03
N THR B 210 -5.13 -33.83 -30.87
CA THR B 210 -5.58 -35.03 -31.54
C THR B 210 -5.09 -36.23 -30.75
N GLU B 211 -5.82 -37.35 -30.84
CA GLU B 211 -5.44 -38.57 -30.12
C GLU B 211 -5.39 -39.74 -31.10
N CYS B 212 -6.35 -39.79 -32.01
CA CYS B 212 -6.43 -40.85 -33.01
C CYS B 212 -7.24 -40.37 -34.20
N SER B 213 -7.29 -41.20 -35.25
CA SER B 213 -8.02 -40.87 -36.46
C SER B 213 -8.42 -42.17 -37.16
N GLU C 1 -6.15 9.06 15.37
CA GLU C 1 -7.02 8.39 14.37
C GLU C 1 -6.95 9.16 13.05
N VAL C 2 -6.73 8.43 11.97
CA VAL C 2 -6.64 9.01 10.64
C VAL C 2 -7.51 8.15 9.73
N GLN C 3 -8.39 8.78 8.96
CA GLN C 3 -9.26 8.04 8.07
C GLN C 3 -9.38 8.69 6.70
N LEU C 4 -9.12 7.88 5.66
CA LEU C 4 -9.19 8.30 4.27
C LEU C 4 -10.41 7.57 3.71
N VAL C 5 -11.39 8.33 3.24
CA VAL C 5 -12.61 7.75 2.69
C VAL C 5 -12.74 8.08 1.21
N GLU C 6 -12.87 7.04 0.39
CA GLU C 6 -13.00 7.20 -1.04
C GLU C 6 -14.45 7.04 -1.48
N SER C 7 -14.78 7.58 -2.65
CA SER C 7 -16.13 7.48 -3.18
C SER C 7 -16.12 6.98 -4.62
N GLY C 8 -15.96 7.90 -5.58
CA GLY C 8 -15.95 7.51 -6.98
C GLY C 8 -17.23 6.86 -7.47
N GLY C 9 -17.08 5.89 -8.38
CA GLY C 9 -18.23 5.21 -8.93
C GLY C 9 -18.12 3.70 -8.81
N GLY C 10 -18.45 2.99 -9.88
CA GLY C 10 -18.38 1.54 -9.84
C GLY C 10 -18.22 0.94 -11.22
N LEU C 11 -19.24 0.22 -11.67
CA LEU C 11 -19.23 -0.42 -12.98
C LEU C 11 -19.39 0.61 -14.09
N VAL C 12 -18.60 0.47 -15.15
CA VAL C 12 -18.62 1.38 -16.28
C VAL C 12 -18.19 0.69 -17.57
N GLN C 13 -18.73 1.17 -18.70
CA GLN C 13 -18.41 0.63 -20.01
C GLN C 13 -17.10 1.27 -20.46
N PRO C 14 -16.20 0.47 -21.07
CA PRO C 14 -14.90 0.96 -21.55
C PRO C 14 -15.03 2.28 -22.29
N GLY C 15 -13.96 3.07 -22.28
CA GLY C 15 -14.00 4.36 -22.93
C GLY C 15 -14.61 5.44 -22.06
N ARG C 16 -15.59 5.07 -21.23
CA ARG C 16 -16.26 6.02 -20.35
C ARG C 16 -15.30 6.61 -19.32
N SER C 17 -15.80 7.50 -18.48
CA SER C 17 -14.97 8.15 -17.46
C SER C 17 -15.57 8.04 -16.06
N LEU C 18 -14.73 8.26 -15.06
CA LEU C 18 -15.12 8.22 -13.66
C LEU C 18 -14.21 9.18 -12.89
N ARG C 19 -14.75 9.87 -11.89
CA ARG C 19 -13.93 10.77 -11.09
C ARG C 19 -13.98 10.27 -9.65
N LEU C 20 -12.86 9.79 -9.15
CA LEU C 20 -12.77 9.30 -7.78
C LEU C 20 -12.49 10.45 -6.82
N SER C 21 -12.85 10.26 -5.57
CA SER C 21 -12.62 11.27 -4.55
C SER C 21 -12.14 10.60 -3.27
N CYS C 22 -11.41 11.35 -2.47
CA CYS C 22 -10.90 10.85 -1.21
C CYS C 22 -10.89 12.00 -0.22
N VAL C 23 -11.77 11.94 0.78
CA VAL C 23 -11.85 12.98 1.79
C VAL C 23 -11.09 12.45 2.99
N THR C 24 -10.10 13.22 3.44
CA THR C 24 -9.26 12.80 4.56
C THR C 24 -9.63 13.41 5.90
N SER C 25 -9.17 12.78 6.97
CA SER C 25 -9.41 13.25 8.32
C SER C 25 -8.33 12.73 9.27
N GLY C 26 -8.10 13.45 10.36
CA GLY C 26 -7.12 13.03 11.34
C GLY C 26 -5.69 13.50 11.17
N PHE C 27 -5.46 14.43 10.24
CA PHE C 27 -4.12 14.95 10.00
C PHE C 27 -4.18 16.15 9.08
N THR C 28 -3.10 16.93 9.04
CA THR C 28 -3.01 18.10 8.17
C THR C 28 -2.77 17.68 6.73
N PHE C 29 -3.82 17.75 5.92
CA PHE C 29 -3.78 17.39 4.50
C PHE C 29 -2.71 18.19 3.76
N ASP C 30 -2.66 19.50 4.03
CA ASP C 30 -1.70 20.40 3.39
C ASP C 30 -0.25 19.93 3.48
N ASP C 31 0.06 19.13 4.50
CA ASP C 31 1.41 18.66 4.72
C ASP C 31 1.82 17.38 4.03
N TYR C 32 0.88 16.58 3.55
CA TYR C 32 1.25 15.31 2.95
C TYR C 32 0.82 15.05 1.51
N ALA C 33 1.75 14.45 0.76
CA ALA C 33 1.50 14.10 -0.63
C ALA C 33 0.62 12.86 -0.62
N MET C 34 -0.54 12.95 -1.26
CA MET C 34 -1.45 11.82 -1.32
C MET C 34 -1.19 11.02 -2.57
N HIS C 35 -1.49 9.73 -2.52
CA HIS C 35 -1.28 8.84 -3.66
C HIS C 35 -2.44 7.90 -3.83
N TRP C 36 -2.59 7.38 -5.05
CA TRP C 36 -3.64 6.42 -5.36
C TRP C 36 -2.89 5.16 -5.73
N VAL C 37 -3.34 4.04 -5.20
CA VAL C 37 -2.73 2.74 -5.47
C VAL C 37 -3.90 1.81 -5.70
N ARG C 38 -3.89 1.07 -6.79
CA ARG C 38 -4.98 0.14 -7.08
C ARG C 38 -4.53 -1.27 -6.81
N GLN C 39 -5.47 -2.19 -6.75
CA GLN C 39 -5.17 -3.59 -6.53
C GLN C 39 -6.04 -4.37 -7.49
N SER C 40 -5.41 -4.99 -8.47
CA SER C 40 -6.11 -5.78 -9.46
C SER C 40 -6.80 -6.95 -8.76
N PRO C 41 -8.13 -7.08 -8.93
CA PRO C 41 -8.95 -8.13 -8.33
C PRO C 41 -8.35 -9.51 -8.42
N GLY C 42 -7.54 -9.86 -7.42
CA GLY C 42 -6.93 -11.17 -7.39
C GLY C 42 -5.42 -11.20 -7.32
N LYS C 43 -4.73 -10.12 -7.66
CA LYS C 43 -3.28 -10.17 -7.61
C LYS C 43 -2.50 -8.86 -7.51
N GLY C 44 -1.88 -8.67 -6.35
CA GLY C 44 -1.02 -7.52 -6.11
C GLY C 44 -1.49 -6.10 -6.27
N LEU C 45 -0.73 -5.21 -5.63
CA LEU C 45 -0.99 -3.79 -5.64
C LEU C 45 -0.24 -3.18 -6.81
N GLU C 46 -0.70 -2.01 -7.25
CA GLU C 46 -0.08 -1.30 -8.35
C GLU C 46 -0.29 0.18 -8.09
N TRP C 47 0.81 0.92 -8.04
CA TRP C 47 0.76 2.35 -7.80
C TRP C 47 0.17 3.06 -9.02
N VAL C 48 -0.74 4.00 -8.79
CA VAL C 48 -1.39 4.71 -9.89
C VAL C 48 -0.89 6.13 -10.12
N SER C 49 -0.93 6.96 -9.09
CA SER C 49 -0.50 8.35 -9.22
C SER C 49 -0.14 8.98 -7.88
N GLY C 50 0.25 10.25 -7.92
CA GLY C 50 0.61 10.94 -6.69
C GLY C 50 0.76 12.43 -6.93
N ILE C 51 0.47 13.23 -5.91
CA ILE C 51 0.58 14.69 -6.05
C ILE C 51 1.10 15.33 -4.77
N SER C 52 2.01 16.28 -4.94
CA SER C 52 2.62 17.00 -3.82
C SER C 52 1.60 17.79 -3.01
N TRP C 53 2.05 18.33 -1.88
CA TRP C 53 1.22 19.10 -0.97
C TRP C 53 0.59 20.35 -1.60
N ASN C 54 1.38 21.09 -2.35
CA ASN C 54 0.92 22.32 -2.99
C ASN C 54 0.44 22.10 -4.42
N THR C 55 0.19 20.84 -4.78
CA THR C 55 -0.26 20.49 -6.14
C THR C 55 0.89 20.65 -7.16
N GLY C 56 1.95 21.35 -6.76
CA GLY C 56 3.09 21.59 -7.63
C GLY C 56 3.66 20.41 -8.39
N THR C 57 3.82 19.28 -7.72
CA THR C 57 4.37 18.10 -8.38
C THR C 57 3.35 16.98 -8.56
N ILE C 58 2.98 16.73 -9.81
CA ILE C 58 2.03 15.69 -10.15
C ILE C 58 2.79 14.59 -10.89
N ILE C 59 2.50 13.34 -10.56
CA ILE C 59 3.16 12.19 -11.19
C ILE C 59 2.18 11.05 -11.42
N TYR C 60 2.38 10.30 -12.50
CA TYR C 60 1.50 9.19 -12.84
C TYR C 60 2.26 7.92 -13.22
N ALA C 61 1.53 6.82 -13.28
CA ALA C 61 2.10 5.54 -13.66
C ALA C 61 2.15 5.53 -15.18
N ASP C 62 3.11 4.80 -15.74
CA ASP C 62 3.22 4.72 -17.20
C ASP C 62 1.96 4.12 -17.80
N SER C 63 1.39 3.13 -17.11
CA SER C 63 0.17 2.47 -17.58
C SER C 63 -1.08 3.29 -17.25
N VAL C 64 -0.91 4.60 -17.07
CA VAL C 64 -2.00 5.49 -16.74
C VAL C 64 -1.80 6.87 -17.38
N LYS C 65 -0.53 7.23 -17.61
CA LYS C 65 -0.17 8.51 -18.22
C LYS C 65 -1.06 8.87 -19.39
N GLY C 66 -1.61 10.08 -19.33
CA GLY C 66 -2.47 10.55 -20.40
C GLY C 66 -3.94 10.32 -20.16
N ARG C 67 -4.27 9.20 -19.53
CA ARG C 67 -5.67 8.88 -19.26
C ARG C 67 -6.14 9.47 -17.94
N PHE C 68 -5.56 8.99 -16.84
CA PHE C 68 -5.92 9.45 -15.50
C PHE C 68 -5.34 10.83 -15.18
N ILE C 69 -6.08 11.60 -14.39
CA ILE C 69 -5.68 12.94 -13.99
C ILE C 69 -5.88 13.06 -12.47
N ILE C 70 -4.79 13.13 -11.71
CA ILE C 70 -4.87 13.24 -10.26
C ILE C 70 -4.96 14.68 -9.81
N SER C 71 -5.84 14.95 -8.86
CA SER C 71 -6.04 16.31 -8.34
C SER C 71 -6.16 16.28 -6.83
N ARG C 72 -6.14 17.46 -6.21
CA ARG C 72 -6.25 17.57 -4.76
C ARG C 72 -6.89 18.91 -4.43
N ASP C 73 -7.40 19.04 -3.22
CA ASP C 73 -8.04 20.27 -2.78
C ASP C 73 -7.76 20.42 -1.29
N ASN C 74 -6.69 21.14 -0.96
CA ASN C 74 -6.30 21.35 0.42
C ASN C 74 -7.41 21.97 1.25
N ALA C 75 -8.04 23.02 0.72
CA ALA C 75 -9.13 23.70 1.40
C ALA C 75 -10.27 22.76 1.80
N LYS C 76 -10.50 21.73 0.98
CA LYS C 76 -11.56 20.77 1.25
C LYS C 76 -11.06 19.41 1.74
N ASN C 77 -9.75 19.29 2.00
CA ASN C 77 -9.15 18.03 2.45
C ASN C 77 -9.59 16.88 1.53
N SER C 78 -9.48 17.10 0.22
CA SER C 78 -9.88 16.09 -0.74
C SER C 78 -8.86 15.79 -1.83
N LEU C 79 -8.77 14.52 -2.20
CA LEU C 79 -7.87 14.03 -3.24
C LEU C 79 -8.77 13.38 -4.30
N TYR C 80 -8.52 13.69 -5.57
CA TYR C 80 -9.32 13.17 -6.66
C TYR C 80 -8.49 12.38 -7.67
N LEU C 81 -9.19 11.68 -8.56
CA LEU C 81 -8.56 10.89 -9.62
C LEU C 81 -9.52 10.81 -10.79
N GLN C 82 -9.37 11.74 -11.75
CA GLN C 82 -10.21 11.77 -12.93
C GLN C 82 -9.78 10.67 -13.88
N MET C 83 -10.53 9.58 -13.89
CA MET C 83 -10.25 8.43 -14.75
C MET C 83 -10.88 8.60 -16.14
N ASN C 84 -10.10 9.12 -17.08
CA ASN C 84 -10.59 9.32 -18.45
C ASN C 84 -10.14 8.16 -19.33
N SER C 85 -10.91 7.89 -20.38
CA SER C 85 -10.60 6.83 -21.32
C SER C 85 -10.36 5.51 -20.59
N LEU C 86 -11.36 5.06 -19.84
CA LEU C 86 -11.24 3.82 -19.09
C LEU C 86 -10.99 2.61 -19.99
N ARG C 87 -10.52 1.53 -19.37
CA ARG C 87 -10.22 0.30 -20.09
C ARG C 87 -10.47 -0.87 -19.15
N VAL C 88 -10.83 -2.02 -19.70
CA VAL C 88 -11.11 -3.21 -18.89
C VAL C 88 -9.94 -3.57 -17.98
N GLU C 89 -8.71 -3.35 -18.45
CA GLU C 89 -7.52 -3.65 -17.66
C GLU C 89 -7.49 -2.83 -16.37
N ASP C 90 -8.22 -1.71 -16.36
CA ASP C 90 -8.30 -0.82 -15.21
C ASP C 90 -9.22 -1.30 -14.09
N THR C 91 -9.92 -2.40 -14.31
CA THR C 91 -10.81 -2.95 -13.29
C THR C 91 -9.97 -3.31 -12.07
N ALA C 92 -10.08 -2.53 -11.00
CA ALA C 92 -9.32 -2.78 -9.79
C ALA C 92 -9.92 -2.04 -8.61
N LEU C 93 -9.46 -2.39 -7.41
CA LEU C 93 -9.93 -1.75 -6.19
C LEU C 93 -8.97 -0.58 -5.98
N TYR C 94 -9.47 0.64 -6.10
CA TYR C 94 -8.63 1.82 -5.93
C TYR C 94 -8.49 2.26 -4.48
N TYR C 95 -7.25 2.34 -4.02
CA TYR C 95 -6.96 2.75 -2.66
C TYR C 95 -6.41 4.16 -2.63
N CYS C 96 -6.71 4.86 -1.56
CA CYS C 96 -6.25 6.22 -1.37
C CYS C 96 -5.13 6.04 -0.34
N ALA C 97 -4.06 6.83 -0.44
CA ALA C 97 -2.95 6.69 0.49
C ALA C 97 -2.34 8.00 0.96
N LYS C 98 -1.90 7.99 2.22
CA LYS C 98 -1.26 9.15 2.82
C LYS C 98 0.20 8.78 3.04
N THR C 99 1.11 9.61 2.54
CA THR C 99 2.54 9.36 2.73
C THR C 99 2.98 10.09 4.00
N ARG C 100 4.28 10.10 4.25
CA ARG C 100 4.81 10.78 5.42
C ARG C 100 6.26 11.12 5.14
N SER C 101 6.48 12.24 4.46
CA SER C 101 7.82 12.69 4.11
C SER C 101 7.90 14.21 4.15
N TYR C 102 9.05 14.72 4.60
CA TYR C 102 9.28 16.15 4.72
C TYR C 102 10.44 16.63 3.84
N VAL C 103 11.40 15.74 3.62
CA VAL C 103 12.55 16.08 2.79
C VAL C 103 12.11 16.27 1.34
N VAL C 104 12.81 17.15 0.63
CA VAL C 104 12.52 17.47 -0.77
C VAL C 104 12.25 16.26 -1.66
N ALA C 105 13.14 15.27 -1.62
CA ALA C 105 12.96 14.09 -2.45
C ALA C 105 12.98 12.85 -1.58
N ALA C 106 11.80 12.40 -1.15
CA ALA C 106 11.71 11.24 -0.29
C ALA C 106 11.26 9.99 -1.02
N GLU C 107 11.62 8.84 -0.46
CA GLU C 107 11.24 7.56 -1.02
C GLU C 107 9.91 7.20 -0.35
N TYR C 108 8.83 7.72 -0.91
CA TYR C 108 7.48 7.52 -0.39
C TYR C 108 7.11 6.13 0.10
N TYR C 109 6.36 6.12 1.20
CA TYR C 109 5.81 4.91 1.79
C TYR C 109 4.41 5.27 2.21
N PHE C 110 3.49 4.39 1.89
CA PHE C 110 2.08 4.60 2.17
C PHE C 110 1.70 4.28 3.60
N HIS C 111 1.70 5.35 4.39
CA HIS C 111 1.42 5.35 5.81
C HIS C 111 0.00 4.93 6.16
N TYR C 112 -0.98 5.51 5.47
CA TYR C 112 -2.39 5.19 5.69
C TYR C 112 -3.07 4.86 4.39
N TRP C 113 -3.90 3.83 4.42
CA TRP C 113 -4.63 3.37 3.25
C TRP C 113 -6.13 3.48 3.53
N GLY C 114 -6.92 3.70 2.48
CA GLY C 114 -8.36 3.77 2.65
C GLY C 114 -8.90 2.35 2.49
N GLN C 115 -10.20 2.16 2.65
CA GLN C 115 -10.77 0.82 2.48
C GLN C 115 -10.71 0.39 1.01
N GLY C 116 -10.68 1.36 0.11
CA GLY C 116 -10.61 1.08 -1.31
C GLY C 116 -11.94 0.90 -2.03
N ILE C 117 -12.22 1.76 -3.00
CA ILE C 117 -13.46 1.67 -3.79
C ILE C 117 -13.19 0.85 -5.03
N LEU C 118 -14.24 0.25 -5.60
CA LEU C 118 -14.05 -0.58 -6.77
C LEU C 118 -14.62 0.00 -8.06
N VAL C 119 -13.84 -0.07 -9.14
CA VAL C 119 -14.29 0.37 -10.44
C VAL C 119 -14.26 -0.89 -11.30
N THR C 120 -15.36 -1.17 -11.97
CA THR C 120 -15.44 -2.34 -12.84
C THR C 120 -15.66 -1.82 -14.24
N VAL C 121 -14.76 -2.17 -15.15
CA VAL C 121 -14.88 -1.73 -16.52
C VAL C 121 -15.20 -2.94 -17.38
N SER C 122 -16.37 -2.90 -18.02
CA SER C 122 -16.83 -3.98 -18.88
C SER C 122 -17.99 -3.49 -19.72
N SER C 123 -18.37 -4.27 -20.73
CA SER C 123 -19.47 -3.87 -21.61
C SER C 123 -20.84 -4.15 -21.00
N GLY C 124 -21.27 -5.41 -21.06
CA GLY C 124 -22.58 -5.77 -20.54
C GLY C 124 -22.60 -5.78 -19.03
N SER C 125 -23.72 -5.37 -18.45
CA SER C 125 -23.88 -5.34 -17.00
C SER C 125 -24.24 -6.74 -16.52
N ALA C 126 -25.54 -7.06 -16.57
CA ALA C 126 -26.03 -8.37 -16.17
C ALA C 126 -26.00 -9.22 -17.43
N SER C 127 -25.26 -10.31 -17.40
CA SER C 127 -25.16 -11.18 -18.56
C SER C 127 -25.53 -12.64 -18.28
N ALA C 128 -26.23 -13.25 -19.23
CA ALA C 128 -26.64 -14.64 -19.12
C ALA C 128 -25.43 -15.49 -19.46
N PRO C 129 -24.94 -16.27 -18.49
CA PRO C 129 -23.77 -17.13 -18.69
C PRO C 129 -23.96 -18.22 -19.73
N THR C 130 -23.06 -18.26 -20.70
CA THR C 130 -23.08 -19.28 -21.75
C THR C 130 -22.34 -20.49 -21.19
N LEU C 131 -23.05 -21.61 -21.05
CA LEU C 131 -22.50 -22.85 -20.51
C LEU C 131 -21.99 -23.83 -21.57
N PHE C 132 -20.70 -24.17 -21.48
CA PHE C 132 -20.05 -25.09 -22.41
C PHE C 132 -19.49 -26.28 -21.63
N PRO C 133 -19.90 -27.51 -22.00
CA PRO C 133 -19.39 -28.70 -21.31
C PRO C 133 -17.94 -29.03 -21.66
N LEU C 134 -17.21 -29.61 -20.72
CA LEU C 134 -15.81 -29.99 -20.92
C LEU C 134 -15.73 -31.48 -20.70
N VAL C 135 -15.02 -32.17 -21.58
CA VAL C 135 -14.87 -33.61 -21.47
C VAL C 135 -13.39 -33.98 -21.57
N SER C 136 -13.01 -35.06 -20.90
CA SER C 136 -11.64 -35.54 -20.92
C SER C 136 -11.60 -36.81 -21.77
N CYS C 137 -11.68 -37.97 -21.13
CA CYS C 137 -11.66 -39.25 -21.83
C CYS C 137 -11.94 -40.36 -20.83
N GLU C 138 -12.15 -41.57 -21.33
CA GLU C 138 -12.42 -42.72 -20.47
C GLU C 138 -11.18 -43.08 -19.66
N ASN C 139 -11.39 -43.39 -18.38
CA ASN C 139 -10.30 -43.73 -17.46
C ASN C 139 -10.88 -44.52 -16.31
N SER C 140 -10.06 -45.38 -15.70
CA SER C 140 -10.49 -46.20 -14.58
C SER C 140 -9.33 -46.98 -13.99
N ASN C 141 -8.67 -47.78 -14.83
CA ASN C 141 -7.54 -48.61 -14.41
C ASN C 141 -6.25 -47.84 -14.08
N PRO C 142 -5.77 -46.98 -15.00
CA PRO C 142 -4.54 -46.24 -14.70
C PRO C 142 -4.69 -45.19 -13.59
N SER C 143 -5.86 -44.59 -13.49
CA SER C 143 -6.13 -43.59 -12.46
C SER C 143 -7.63 -43.32 -12.32
N SER C 144 -7.99 -42.49 -11.35
CA SER C 144 -9.39 -42.15 -11.09
C SER C 144 -10.09 -41.57 -12.32
N THR C 145 -11.32 -42.01 -12.55
CA THR C 145 -12.12 -41.56 -13.67
C THR C 145 -12.37 -40.05 -13.58
N VAL C 146 -11.59 -39.29 -14.36
CA VAL C 146 -11.71 -37.83 -14.39
C VAL C 146 -13.08 -37.37 -14.88
N ALA C 147 -13.77 -38.25 -15.61
CA ALA C 147 -15.09 -37.96 -16.14
C ALA C 147 -15.17 -36.70 -16.98
N VAL C 148 -15.94 -35.71 -16.50
CA VAL C 148 -16.13 -34.46 -17.23
C VAL C 148 -16.24 -33.27 -16.29
N GLY C 149 -16.21 -32.07 -16.86
CA GLY C 149 -16.32 -30.86 -16.07
C GLY C 149 -17.22 -29.86 -16.76
N CYS C 150 -17.75 -28.90 -15.99
CA CYS C 150 -18.63 -27.89 -16.56
C CYS C 150 -17.98 -26.52 -16.49
N LEU C 151 -17.86 -25.87 -17.64
CA LEU C 151 -17.26 -24.54 -17.72
C LEU C 151 -18.33 -23.49 -17.98
N ALA C 152 -18.60 -22.67 -16.98
CA ALA C 152 -19.60 -21.62 -17.09
C ALA C 152 -18.89 -20.31 -17.38
N GLN C 153 -19.21 -19.68 -18.50
CA GLN C 153 -18.59 -18.42 -18.84
C GLN C 153 -19.59 -17.44 -19.40
N ASP C 154 -19.15 -16.21 -19.58
CA ASP C 154 -19.96 -15.12 -20.14
C ASP C 154 -20.99 -14.54 -19.16
N PHE C 155 -20.71 -14.64 -17.86
CA PHE C 155 -21.63 -14.10 -16.87
C PHE C 155 -21.01 -12.87 -16.22
N LEU C 156 -21.85 -11.92 -15.83
CA LEU C 156 -21.41 -10.70 -15.19
C LEU C 156 -22.63 -10.00 -14.59
N PRO C 157 -22.58 -9.69 -13.28
CA PRO C 157 -21.48 -9.94 -12.36
C PRO C 157 -21.53 -11.39 -11.87
N ASP C 158 -20.68 -11.70 -10.89
CA ASP C 158 -20.59 -13.04 -10.29
C ASP C 158 -21.92 -13.58 -9.75
N SER C 159 -21.99 -13.78 -8.44
CA SER C 159 -23.21 -14.30 -7.80
C SER C 159 -23.66 -15.58 -8.51
N ILE C 160 -22.76 -16.56 -8.56
CA ILE C 160 -23.05 -17.82 -9.20
C ILE C 160 -23.05 -18.98 -8.22
N THR C 161 -23.96 -19.93 -8.40
CA THR C 161 -24.06 -21.11 -7.55
C THR C 161 -24.49 -22.28 -8.43
N PHE C 162 -23.51 -22.88 -9.10
CA PHE C 162 -23.75 -24.02 -9.99
C PHE C 162 -24.18 -25.28 -9.24
N SER C 163 -24.87 -26.17 -9.96
CA SER C 163 -25.34 -27.42 -9.39
C SER C 163 -25.49 -28.47 -10.48
N TRP C 164 -24.94 -29.64 -10.23
CA TRP C 164 -25.01 -30.76 -11.17
C TRP C 164 -26.14 -31.65 -10.66
N LYS C 165 -26.98 -32.13 -11.58
CA LYS C 165 -28.10 -33.00 -11.19
C LYS C 165 -28.01 -34.37 -11.84
N TYR C 166 -28.70 -35.34 -11.25
CA TYR C 166 -28.71 -36.70 -11.75
C TYR C 166 -30.16 -37.10 -12.01
N LYS C 167 -30.36 -38.27 -12.61
CA LYS C 167 -31.70 -38.77 -12.91
C LYS C 167 -32.42 -39.17 -11.61
N ASN C 168 -31.64 -39.53 -10.61
CA ASN C 168 -32.18 -39.95 -9.32
C ASN C 168 -31.65 -39.05 -8.21
N ASN C 169 -31.99 -39.38 -6.98
CA ASN C 169 -31.55 -38.61 -5.81
C ASN C 169 -30.04 -38.57 -5.75
N SER C 170 -29.48 -37.36 -5.69
CA SER C 170 -28.03 -37.18 -5.63
C SER C 170 -27.47 -37.65 -4.29
N ASP C 171 -27.09 -38.92 -4.23
CA ASP C 171 -26.52 -39.50 -3.02
C ASP C 171 -25.29 -38.72 -2.57
N ILE C 172 -24.18 -38.88 -3.30
CA ILE C 172 -22.95 -38.18 -2.97
C ILE C 172 -23.11 -36.72 -3.39
N SER C 173 -23.71 -35.92 -2.52
CA SER C 173 -23.93 -34.51 -2.79
C SER C 173 -22.66 -33.70 -2.62
N SER C 174 -21.82 -33.68 -3.65
CA SER C 174 -20.57 -32.93 -3.60
C SER C 174 -20.15 -32.48 -4.99
N THR C 175 -19.38 -31.40 -5.06
CA THR C 175 -18.91 -30.85 -6.33
C THR C 175 -17.61 -30.08 -6.10
N ARG C 176 -16.65 -30.23 -7.01
CA ARG C 176 -15.39 -29.52 -6.91
C ARG C 176 -15.53 -28.12 -7.48
N GLY C 177 -15.90 -27.18 -6.61
CA GLY C 177 -16.07 -25.80 -7.02
C GLY C 177 -14.71 -25.13 -7.19
N PHE C 178 -14.68 -24.03 -7.93
CA PHE C 178 -13.45 -23.30 -8.17
C PHE C 178 -13.75 -21.80 -8.23
N PRO C 179 -12.71 -20.98 -8.08
CA PRO C 179 -12.85 -19.52 -8.12
C PRO C 179 -13.19 -19.02 -9.51
N SER C 180 -13.85 -17.87 -9.59
CA SER C 180 -14.19 -17.27 -10.87
C SER C 180 -12.99 -16.42 -11.28
N VAL C 181 -12.77 -16.27 -12.58
CA VAL C 181 -11.63 -15.48 -13.06
C VAL C 181 -12.06 -14.18 -13.75
N LEU C 182 -11.20 -13.17 -13.64
CA LEU C 182 -11.45 -11.87 -14.25
C LEU C 182 -11.05 -11.98 -15.73
N ARG C 183 -12.05 -12.04 -16.61
CA ARG C 183 -11.81 -12.14 -18.03
C ARG C 183 -12.12 -10.79 -18.68
N GLY C 184 -11.82 -10.66 -19.96
CA GLY C 184 -12.06 -9.42 -20.68
C GLY C 184 -13.50 -8.96 -20.65
N GLY C 185 -13.86 -8.20 -19.61
CA GLY C 185 -15.21 -7.68 -19.50
C GLY C 185 -16.26 -8.70 -19.10
N LYS C 186 -15.83 -9.89 -18.67
CA LYS C 186 -16.74 -10.96 -18.26
C LYS C 186 -16.06 -11.86 -17.25
N TYR C 187 -16.83 -12.77 -16.67
CA TYR C 187 -16.30 -13.73 -15.69
C TYR C 187 -16.42 -15.15 -16.22
N ALA C 188 -15.66 -16.07 -15.65
CA ALA C 188 -15.68 -17.47 -16.05
C ALA C 188 -15.35 -18.34 -14.85
N ALA C 189 -16.04 -19.48 -14.73
CA ALA C 189 -15.82 -20.38 -13.62
C ALA C 189 -16.22 -21.80 -14.00
N THR C 190 -15.33 -22.75 -13.71
CA THR C 190 -15.54 -24.16 -14.03
C THR C 190 -16.02 -24.89 -12.78
N SER C 191 -16.33 -26.17 -12.92
CA SER C 191 -16.75 -27.00 -11.80
C SER C 191 -16.47 -28.43 -12.24
N GLN C 192 -15.54 -29.11 -11.56
CA GLN C 192 -15.19 -30.47 -11.92
C GLN C 192 -15.91 -31.50 -11.06
N VAL C 193 -16.22 -32.66 -11.66
CA VAL C 193 -16.87 -33.72 -10.92
C VAL C 193 -16.17 -35.05 -11.22
N LEU C 194 -15.35 -35.51 -10.29
CA LEU C 194 -14.65 -36.78 -10.44
C LEU C 194 -15.69 -37.89 -10.30
N LEU C 195 -15.60 -38.90 -11.14
CA LEU C 195 -16.56 -40.00 -11.10
C LEU C 195 -15.91 -41.33 -10.70
N PRO C 196 -16.41 -41.96 -9.63
CA PRO C 196 -15.86 -43.25 -9.18
C PRO C 196 -16.36 -44.38 -10.07
N SER C 197 -15.76 -44.51 -11.25
CA SER C 197 -16.11 -45.53 -12.23
C SER C 197 -17.56 -45.39 -12.73
N LYS C 198 -17.96 -46.26 -13.64
CA LYS C 198 -19.31 -46.22 -14.18
C LYS C 198 -20.22 -47.19 -13.44
N ASP C 199 -20.63 -46.81 -12.25
CA ASP C 199 -21.51 -47.64 -11.44
C ASP C 199 -22.97 -47.39 -11.83
N VAL C 200 -23.45 -48.16 -12.81
CA VAL C 200 -24.83 -48.04 -13.27
C VAL C 200 -25.80 -48.64 -12.24
N MET C 201 -25.88 -47.99 -11.08
CA MET C 201 -26.76 -48.45 -10.01
C MET C 201 -28.20 -48.10 -10.34
N GLN C 202 -28.82 -48.92 -11.19
CA GLN C 202 -30.20 -48.74 -11.62
C GLN C 202 -30.35 -47.54 -12.57
N GLY C 203 -30.05 -46.35 -12.08
CA GLY C 203 -30.15 -45.16 -12.89
C GLY C 203 -29.13 -45.13 -14.01
N THR C 204 -29.61 -45.23 -15.24
CA THR C 204 -28.73 -45.21 -16.42
C THR C 204 -28.24 -43.80 -16.74
N ASN C 205 -26.96 -43.56 -16.47
CA ASN C 205 -26.35 -42.27 -16.74
C ASN C 205 -26.16 -42.04 -18.24
N GLU C 206 -27.25 -41.66 -18.92
CA GLU C 206 -27.21 -41.39 -20.36
C GLU C 206 -26.37 -40.15 -20.65
N HIS C 207 -26.43 -39.18 -19.76
CA HIS C 207 -25.70 -37.93 -19.88
C HIS C 207 -25.87 -37.17 -18.58
N VAL C 208 -24.79 -36.55 -18.11
CA VAL C 208 -24.83 -35.78 -16.88
C VAL C 208 -25.41 -34.39 -17.17
N VAL C 209 -25.92 -33.73 -16.15
CA VAL C 209 -26.52 -32.41 -16.34
C VAL C 209 -25.84 -31.39 -15.45
N CYS C 210 -25.70 -30.17 -15.98
CA CYS C 210 -25.08 -29.07 -15.26
C CYS C 210 -26.01 -27.85 -15.35
N LYS C 211 -26.27 -27.22 -14.21
CA LYS C 211 -27.13 -26.05 -14.18
C LYS C 211 -26.47 -24.93 -13.39
N VAL C 212 -26.67 -23.70 -13.83
CA VAL C 212 -26.11 -22.53 -13.17
C VAL C 212 -27.19 -21.65 -12.55
N GLN C 213 -27.01 -21.33 -11.27
CA GLN C 213 -27.95 -20.47 -10.54
C GLN C 213 -27.32 -19.08 -10.51
N HIS C 214 -27.88 -18.19 -11.33
CA HIS C 214 -27.39 -16.82 -11.44
C HIS C 214 -28.56 -15.86 -11.55
N PRO C 215 -28.56 -14.78 -10.73
CA PRO C 215 -29.64 -13.80 -10.78
C PRO C 215 -29.68 -13.20 -12.20
N ASN C 216 -30.82 -13.35 -12.86
CA ASN C 216 -31.00 -12.86 -14.22
C ASN C 216 -30.09 -13.65 -15.18
N GLY C 217 -30.68 -14.68 -15.80
CA GLY C 217 -29.93 -15.50 -16.72
C GLY C 217 -29.70 -16.90 -16.19
N ASN C 218 -30.74 -17.74 -16.30
CA ASN C 218 -30.65 -19.12 -15.84
C ASN C 218 -30.44 -20.02 -17.06
N LYS C 219 -29.49 -20.94 -16.96
CA LYS C 219 -29.17 -21.85 -18.04
C LYS C 219 -28.84 -23.23 -17.49
N GLU C 220 -29.04 -24.24 -18.32
CA GLU C 220 -28.77 -25.63 -17.96
C GLU C 220 -28.25 -26.30 -19.23
N LYS C 221 -27.03 -26.81 -19.18
CA LYS C 221 -26.44 -27.46 -20.35
C LYS C 221 -26.27 -28.96 -20.12
N ASP C 222 -26.35 -29.71 -21.21
CA ASP C 222 -26.21 -31.17 -21.15
C ASP C 222 -24.74 -31.52 -21.28
N VAL C 223 -24.28 -32.41 -20.40
CA VAL C 223 -22.89 -32.86 -20.40
C VAL C 223 -22.92 -34.37 -20.65
N PRO C 224 -21.92 -34.92 -21.34
CA PRO C 224 -21.89 -36.37 -21.61
C PRO C 224 -21.76 -37.21 -20.34
N LEU C 225 -21.37 -38.48 -20.50
CA LEU C 225 -21.23 -39.38 -19.36
C LEU C 225 -19.76 -39.66 -19.04
#